data_2GIT
#
_entry.id   2GIT
#
_cell.length_a   50.384
_cell.length_b   62.709
_cell.length_c   74.773
_cell.angle_alpha   82.00
_cell.angle_beta   76.22
_cell.angle_gamma   78.18
#
_symmetry.space_group_name_H-M   'P 1'
#
loop_
_entity.id
_entity.type
_entity.pdbx_description
1 polymer 'HLA class I histocompatibility antigen, A-2 alpha chain'
2 polymer Beta-2-microglobulin
3 polymer 'Transcriptional activator TAX'
4 non-polymer GLYCEROL
5 non-polymer 'SODIUM ION'
6 non-polymer 'FORMIC ACID'
7 water water
#
loop_
_entity_poly.entity_id
_entity_poly.type
_entity_poly.pdbx_seq_one_letter_code
_entity_poly.pdbx_strand_id
1 'polypeptide(L)'
;GSHSMRYFFTSVSRPGRGEPRFIAVGYVDDTQFVRFDSDAASQRMEPRAPWIEQEGPEYWDGETRKVKAHSQTHRVDLGT
LRGYYNQSEAGSHTVQRMYGCDVGSDWRFLRGYHQYAYDGKDYIALKEDLRSWTAADMAAQTTKHKWEAAHVAEQLRAYL
EGTCVEWLRRYLENGKETLQRTDAPKTHMTHHAVSDHEATLRCWALSFYPAEITLTWQRDGEDQTQDTELVETRPAGDGT
FQKWAAVVVPSGQEQRYTCHVQHEGLPKPLTLRWE
;
A,D
2 'polypeptide(L)'
;MIQRTPKIQVYSRHPAENGKSNFLNCYVSGFHPSDIEVDLLKNGERIEKVEHSDLSFSKDWSFYLLYYTEFTPTEKDEYA
CRVNHVTLSQPKIVKWDRDM
;
B,E
3 'polypeptide(L)' LLFGKPVYV C,F
#
# COMPACT_ATOMS: atom_id res chain seq x y z
N GLY A 1 0.38 6.72 -1.20
CA GLY A 1 1.38 7.46 -2.01
C GLY A 1 0.99 8.92 -2.22
N SER A 2 1.66 9.57 -3.15
CA SER A 2 1.41 10.97 -3.45
C SER A 2 0.22 11.12 -4.39
N HIS A 3 -0.43 12.30 -4.40
CA HIS A 3 -1.66 12.48 -5.21
C HIS A 3 -1.73 13.88 -5.83
N SER A 4 -2.58 14.11 -6.84
CA SER A 4 -2.70 15.44 -7.40
C SER A 4 -4.14 15.73 -7.80
N MET A 5 -4.47 17.02 -7.89
CA MET A 5 -5.76 17.44 -8.48
C MET A 5 -5.42 18.44 -9.55
N ARG A 6 -6.09 18.40 -10.70
CA ARG A 6 -5.71 19.29 -11.80
C ARG A 6 -7.02 19.67 -12.46
N TYR A 7 -7.15 20.95 -12.82
CA TYR A 7 -8.28 21.36 -13.70
C TYR A 7 -7.68 21.88 -14.98
N PHE A 8 -8.32 21.58 -16.13
CA PHE A 8 -7.76 21.90 -17.46
C PHE A 8 -8.86 22.61 -18.19
N PHE A 9 -8.55 23.76 -18.80
CA PHE A 9 -9.61 24.58 -19.45
C PHE A 9 -9.13 24.92 -20.85
N THR A 10 -10.00 24.80 -21.87
CA THR A 10 -9.61 25.13 -23.25
C THR A 10 -10.73 26.00 -23.81
N SER A 11 -10.40 27.20 -24.32
CA SER A 11 -11.39 27.99 -25.03
C SER A 11 -10.89 28.27 -26.43
N VAL A 12 -11.75 28.06 -27.43
CA VAL A 12 -11.35 28.19 -28.81
C VAL A 12 -12.30 29.16 -29.51
N SER A 13 -11.77 30.24 -30.04
CA SER A 13 -12.64 31.22 -30.72
C SER A 13 -13.12 30.68 -32.05
N ARG A 14 -14.36 31.02 -32.40
CA ARG A 14 -14.93 30.59 -33.67
C ARG A 14 -15.53 31.80 -34.39
N PRO A 15 -14.68 32.69 -34.95
CA PRO A 15 -15.12 33.93 -35.57
C PRO A 15 -16.21 33.71 -36.59
N GLY A 16 -17.34 34.38 -36.40
CA GLY A 16 -18.50 34.21 -37.28
C GLY A 16 -19.36 32.97 -37.05
N ARG A 17 -19.03 32.18 -36.04
CA ARG A 17 -19.82 30.99 -35.72
C ARG A 17 -20.23 31.04 -34.26
N GLY A 18 -20.40 32.27 -33.75
CA GLY A 18 -20.88 32.46 -32.38
C GLY A 18 -19.79 32.50 -31.31
N GLU A 19 -20.19 32.16 -30.08
CA GLU A 19 -19.37 32.22 -28.89
C GLU A 19 -18.25 31.18 -28.96
N PRO A 20 -17.12 31.46 -28.31
CA PRO A 20 -16.04 30.48 -28.26
C PRO A 20 -16.42 29.13 -27.62
N ARG A 21 -15.78 28.06 -28.05
CA ARG A 21 -16.08 26.76 -27.47
C ARG A 21 -15.32 26.72 -26.19
N PHE A 22 -15.94 26.33 -25.08
CA PHE A 22 -15.23 26.25 -23.81
C PHE A 22 -15.41 24.83 -23.22
N ILE A 23 -14.30 24.15 -22.88
CA ILE A 23 -14.39 22.82 -22.28
C ILE A 23 -13.55 22.79 -21.02
N ALA A 24 -14.13 22.35 -19.89
CA ALA A 24 -13.34 22.25 -18.64
C ALA A 24 -13.40 20.84 -18.18
N VAL A 25 -12.29 20.32 -17.65
CA VAL A 25 -12.29 18.99 -17.05
C VAL A 25 -11.47 18.99 -15.76
N GLY A 26 -11.85 18.14 -14.82
CA GLY A 26 -11.11 18.07 -13.58
C GLY A 26 -10.70 16.63 -13.37
N TYR A 27 -9.48 16.44 -12.85
CA TYR A 27 -8.92 15.13 -12.57
C TYR A 27 -8.40 15.01 -11.13
N VAL A 28 -8.53 13.84 -10.53
CA VAL A 28 -7.74 13.53 -9.34
C VAL A 28 -6.84 12.39 -9.82
N ASP A 29 -5.51 12.54 -9.68
CA ASP A 29 -4.57 11.58 -10.25
C ASP A 29 -4.92 11.35 -11.73
N ASP A 30 -5.08 10.10 -12.15
CA ASP A 30 -5.42 9.83 -13.55
C ASP A 30 -6.92 9.56 -13.77
N THR A 31 -7.76 10.03 -12.85
CA THR A 31 -9.22 9.73 -12.96
C THR A 31 -9.98 11.04 -13.19
N GLN A 32 -10.68 11.16 -14.31
CA GLN A 32 -11.50 12.39 -14.55
C GLN A 32 -12.70 12.32 -13.62
N PHE A 33 -13.09 13.47 -13.06
CA PHE A 33 -14.27 13.46 -12.18
C PHE A 33 -15.33 14.49 -12.50
N VAL A 34 -15.01 15.56 -13.22
CA VAL A 34 -16.01 16.58 -13.59
C VAL A 34 -15.76 17.06 -15.00
N ARG A 35 -16.80 17.49 -15.70
CA ARG A 35 -16.59 18.18 -16.97
C ARG A 35 -17.63 19.29 -17.13
N PHE A 36 -17.28 20.29 -17.90
CA PHE A 36 -18.21 21.29 -18.45
C PHE A 36 -17.92 21.48 -19.93
N ASP A 37 -18.96 21.52 -20.74
CA ASP A 37 -18.80 21.79 -22.18
C ASP A 37 -19.80 22.85 -22.53
N SER A 38 -19.34 23.98 -23.06
CA SER A 38 -20.23 25.13 -23.38
C SER A 38 -21.26 24.77 -24.46
N ASP A 39 -20.96 23.78 -25.29
CA ASP A 39 -21.84 23.40 -26.38
C ASP A 39 -22.86 22.35 -25.98
N ALA A 40 -22.74 21.83 -24.77
CA ALA A 40 -23.65 20.78 -24.33
C ALA A 40 -24.95 21.40 -23.86
N ALA A 41 -25.98 20.58 -23.79
CA ALA A 41 -27.30 21.09 -23.51
C ALA A 41 -27.53 21.50 -22.05
N SER A 42 -26.88 20.83 -21.09
CA SER A 42 -27.24 21.09 -19.70
C SER A 42 -26.78 22.43 -19.16
N GLN A 43 -25.63 22.91 -19.63
CA GLN A 43 -24.99 24.14 -19.08
C GLN A 43 -24.70 24.01 -17.59
N ARG A 44 -24.34 22.80 -17.17
CA ARG A 44 -24.02 22.51 -15.77
C ARG A 44 -22.68 21.86 -15.74
N MET A 45 -21.95 22.04 -14.64
CA MET A 45 -20.87 21.10 -14.36
C MET A 45 -21.47 19.70 -14.10
N GLU A 46 -20.85 18.68 -14.69
CA GLU A 46 -21.37 17.28 -14.65
C GLU A 46 -20.36 16.29 -14.08
N PRO A 47 -20.83 15.29 -13.32
CA PRO A 47 -19.97 14.26 -12.75
C PRO A 47 -19.44 13.30 -13.77
N ARG A 48 -18.20 12.87 -13.62
CA ARG A 48 -17.63 11.86 -14.52
C ARG A 48 -16.93 10.69 -13.76
N ALA A 49 -17.06 10.68 -12.43
CA ALA A 49 -16.63 9.58 -11.58
C ALA A 49 -17.75 9.27 -10.64
N PRO A 50 -17.85 7.99 -10.18
CA PRO A 50 -19.02 7.71 -9.33
C PRO A 50 -18.96 8.33 -7.93
N TRP A 51 -17.77 8.58 -7.38
CA TRP A 51 -17.68 9.12 -6.03
C TRP A 51 -18.03 10.60 -5.92
N ILE A 52 -18.08 11.33 -7.02
CA ILE A 52 -18.43 12.72 -6.91
C ILE A 52 -19.94 12.91 -7.09
N GLU A 53 -20.63 11.86 -7.56
CA GLU A 53 -22.06 11.97 -7.83
C GLU A 53 -22.87 12.19 -6.57
N GLN A 54 -22.31 11.85 -5.42
CA GLN A 54 -23.02 12.09 -4.19
C GLN A 54 -22.75 13.38 -3.45
N GLU A 55 -22.02 14.29 -4.10
CA GLU A 55 -21.75 15.60 -3.51
C GLU A 55 -22.97 16.46 -3.21
N GLY A 56 -23.99 16.46 -4.04
CA GLY A 56 -25.22 17.20 -3.58
C GLY A 56 -25.32 18.58 -4.22
N PRO A 57 -26.54 19.15 -4.23
CA PRO A 57 -26.78 20.30 -5.08
C PRO A 57 -26.04 21.59 -4.79
N GLU A 58 -25.70 21.86 -3.53
CA GLU A 58 -24.82 23.03 -3.29
C GLU A 58 -23.47 22.93 -4.00
N TYR A 59 -22.87 21.76 -4.00
CA TYR A 59 -21.63 21.51 -4.77
C TYR A 59 -21.88 21.75 -6.26
N TRP A 60 -22.91 21.12 -6.82
CA TRP A 60 -23.12 21.22 -8.28
C TRP A 60 -23.50 22.60 -8.76
N ASP A 61 -24.35 23.30 -7.99
CA ASP A 61 -24.75 24.66 -8.32
C ASP A 61 -23.53 25.58 -8.23
N GLY A 62 -22.72 25.41 -7.19
CA GLY A 62 -21.60 26.34 -7.02
C GLY A 62 -20.48 26.09 -8.03
N GLU A 63 -20.18 24.84 -8.30
CA GLU A 63 -19.22 24.51 -9.36
C GLU A 63 -19.71 24.94 -10.77
N THR A 64 -21.02 24.85 -11.03
CA THR A 64 -21.55 25.34 -12.27
C THR A 64 -21.38 26.87 -12.36
N ARG A 65 -21.72 27.56 -11.28
CA ARG A 65 -21.56 29.00 -11.23
C ARG A 65 -20.10 29.39 -11.45
N LYS A 66 -19.17 28.73 -10.77
CA LYS A 66 -17.74 29.06 -10.96
C LYS A 66 -17.16 28.71 -12.33
N VAL A 67 -17.54 27.55 -12.88
CA VAL A 67 -17.05 27.14 -14.22
C VAL A 67 -17.58 28.04 -15.34
N LYS A 68 -18.81 28.50 -15.23
CA LYS A 68 -19.34 29.49 -16.18
C LYS A 68 -18.56 30.79 -16.05
N ALA A 69 -18.17 31.16 -14.84
CA ALA A 69 -17.39 32.41 -14.65
C ALA A 69 -16.00 32.25 -15.30
N HIS A 70 -15.42 31.07 -15.21
CA HIS A 70 -14.15 30.75 -15.91
C HIS A 70 -14.34 30.88 -17.44
N SER A 71 -15.48 30.43 -17.93
CA SER A 71 -15.76 30.51 -19.37
C SER A 71 -15.84 31.97 -19.82
N GLN A 72 -16.45 32.82 -18.99
CA GLN A 72 -16.57 34.21 -19.36
C GLN A 72 -15.24 34.93 -19.29
N THR A 73 -14.39 34.59 -18.33
CA THR A 73 -13.08 35.27 -18.34
C THR A 73 -12.24 34.84 -19.56
N HIS A 74 -12.33 33.58 -19.97
CA HIS A 74 -11.61 33.13 -21.19
C HIS A 74 -12.16 33.79 -22.45
N ARG A 75 -13.48 34.01 -22.50
CA ARG A 75 -14.07 34.74 -23.61
C ARG A 75 -13.47 36.12 -23.74
N VAL A 76 -13.42 36.86 -22.63
CA VAL A 76 -12.71 38.15 -22.59
C VAL A 76 -11.21 38.01 -22.98
N ASP A 77 -10.55 36.97 -22.45
CA ASP A 77 -9.11 36.68 -22.74
C ASP A 77 -8.80 36.56 -24.23
N LEU A 78 -9.66 35.88 -25.00
CA LEU A 78 -9.42 35.70 -26.43
C LEU A 78 -9.37 37.08 -27.13
N GLY A 79 -10.29 37.97 -26.75
CA GLY A 79 -10.29 39.33 -27.29
C GLY A 79 -9.07 40.12 -26.83
N THR A 80 -8.72 40.00 -25.56
CA THR A 80 -7.53 40.66 -24.99
C THR A 80 -6.21 40.25 -25.68
N LEU A 81 -6.01 38.94 -25.82
CA LEU A 81 -4.84 38.36 -26.50
C LEU A 81 -4.74 38.70 -28.00
N ARG A 82 -5.89 38.73 -28.70
CA ARG A 82 -5.93 39.18 -30.08
C ARG A 82 -5.38 40.59 -30.20
N GLY A 83 -5.77 41.43 -29.24
CA GLY A 83 -5.26 42.80 -29.10
C GLY A 83 -3.76 42.84 -28.86
N TYR A 84 -3.28 42.02 -27.92
CA TYR A 84 -1.84 41.98 -27.54
C TYR A 84 -0.92 41.54 -28.68
N TYR A 85 -1.37 40.58 -29.48
CA TYR A 85 -0.55 40.10 -30.58
C TYR A 85 -0.91 40.70 -31.94
N ASN A 86 -1.77 41.72 -31.95
CA ASN A 86 -2.25 42.41 -33.15
C ASN A 86 -2.75 41.45 -34.25
N GLN A 87 -3.63 40.53 -33.86
CA GLN A 87 -4.11 39.55 -34.81
C GLN A 87 -5.46 39.96 -35.32
N SER A 88 -5.83 39.47 -36.50
CA SER A 88 -7.11 39.82 -37.06
C SER A 88 -8.28 39.10 -36.39
N GLU A 89 -9.47 39.59 -36.67
CA GLU A 89 -10.67 39.10 -36.06
C GLU A 89 -11.14 37.80 -36.70
N ALA A 90 -10.54 37.44 -37.84
CA ALA A 90 -10.98 36.31 -38.66
C ALA A 90 -10.52 34.93 -38.19
N GLY A 91 -9.32 34.85 -37.62
CA GLY A 91 -8.75 33.56 -37.29
C GLY A 91 -9.20 33.02 -35.96
N SER A 92 -9.23 31.69 -35.87
CA SER A 92 -9.53 30.96 -34.66
C SER A 92 -8.28 30.84 -33.79
N HIS A 93 -8.42 31.09 -32.49
CA HIS A 93 -7.28 30.99 -31.58
C HIS A 93 -7.66 30.19 -30.35
N THR A 94 -6.66 29.77 -29.55
CA THR A 94 -6.89 28.83 -28.45
C THR A 94 -6.21 29.40 -27.19
N VAL A 95 -6.94 29.51 -26.09
CA VAL A 95 -6.35 29.76 -24.78
C VAL A 95 -6.50 28.45 -23.95
N GLN A 96 -5.44 28.04 -23.25
CA GLN A 96 -5.53 26.92 -22.35
C GLN A 96 -5.08 27.36 -20.97
N ARG A 97 -5.72 26.86 -19.93
CA ARG A 97 -5.30 27.18 -18.55
C ARG A 97 -5.24 25.86 -17.79
N MET A 98 -4.25 25.69 -16.92
CA MET A 98 -4.27 24.56 -15.98
C MET A 98 -3.92 25.08 -14.60
N TYR A 99 -4.60 24.59 -13.56
CA TYR A 99 -4.16 24.81 -12.20
C TYR A 99 -4.42 23.59 -11.32
N GLY A 100 -3.78 23.55 -10.13
CA GLY A 100 -4.08 22.42 -9.23
C GLY A 100 -2.91 22.25 -8.29
N CYS A 101 -2.87 21.12 -7.56
CA CYS A 101 -1.97 21.00 -6.44
C CYS A 101 -1.53 19.58 -6.36
N ASP A 102 -0.32 19.36 -5.84
CA ASP A 102 0.14 18.02 -5.51
C ASP A 102 0.27 17.86 -3.98
N VAL A 103 -0.04 16.67 -3.44
CA VAL A 103 0.29 16.33 -2.05
C VAL A 103 1.28 15.16 -2.06
N GLY A 104 2.14 15.10 -1.06
CA GLY A 104 3.14 14.03 -0.99
C GLY A 104 2.52 12.83 -0.36
N SER A 105 3.35 11.89 0.06
CA SER A 105 2.85 10.64 0.57
C SER A 105 2.32 10.79 2.02
N ASP A 106 2.57 11.93 2.63
CA ASP A 106 2.03 12.30 3.92
C ASP A 106 0.72 13.05 3.80
N TRP A 107 0.29 13.24 2.55
CA TRP A 107 -0.90 14.02 2.15
C TRP A 107 -0.78 15.53 2.45
N ARG A 108 0.43 16.02 2.75
CA ARG A 108 0.61 17.46 2.94
C ARG A 108 0.91 18.14 1.63
N PHE A 109 0.51 19.40 1.51
CA PHE A 109 0.81 20.21 0.30
C PHE A 109 2.26 20.06 -0.14
N LEU A 110 2.49 19.72 -1.42
CA LEU A 110 3.84 19.59 -1.99
C LEU A 110 4.17 20.68 -3.03
N ARG A 111 3.25 20.93 -3.94
CA ARG A 111 3.50 21.84 -5.04
C ARG A 111 2.17 22.36 -5.59
N GLY A 112 2.14 23.60 -6.11
CA GLY A 112 0.93 24.05 -6.84
C GLY A 112 1.32 24.67 -8.16
N TYR A 113 0.33 24.83 -9.03
CA TYR A 113 0.55 25.22 -10.42
C TYR A 113 -0.59 26.12 -10.82
N HIS A 114 -0.29 27.08 -11.70
CA HIS A 114 -1.33 27.88 -12.36
C HIS A 114 -0.67 28.47 -13.60
N GLN A 115 -1.12 28.04 -14.78
CA GLN A 115 -0.43 28.45 -16.00
C GLN A 115 -1.33 28.49 -17.19
N TYR A 116 -0.94 29.31 -18.15
CA TYR A 116 -1.71 29.53 -19.37
C TYR A 116 -0.85 29.33 -20.59
N ALA A 117 -1.52 28.99 -21.68
CA ALA A 117 -0.89 28.93 -22.99
C ALA A 117 -1.76 29.62 -24.01
N TYR A 118 -1.14 30.25 -25.01
CA TYR A 118 -1.92 30.83 -26.11
C TYR A 118 -1.44 30.20 -27.40
N ASP A 119 -2.41 29.67 -28.17
CA ASP A 119 -2.10 29.00 -29.43
C ASP A 119 -1.00 27.90 -29.28
N GLY A 120 -1.03 27.18 -28.17
CA GLY A 120 -0.16 26.03 -27.99
C GLY A 120 1.20 26.28 -27.41
N LYS A 121 1.49 27.55 -27.08
CA LYS A 121 2.83 27.90 -26.56
C LYS A 121 2.63 28.50 -25.16
N ASP A 122 3.56 28.23 -24.25
CA ASP A 122 3.53 28.86 -22.93
C ASP A 122 3.30 30.34 -23.03
N TYR A 123 2.40 30.85 -22.20
CA TYR A 123 2.06 32.26 -22.17
C TYR A 123 2.55 32.82 -20.83
N ILE A 124 1.96 32.38 -19.71
CA ILE A 124 2.45 32.81 -18.36
C ILE A 124 2.30 31.63 -17.37
N ALA A 125 3.22 31.50 -16.41
CA ALA A 125 3.11 30.45 -15.40
C ALA A 125 3.49 30.97 -14.02
N LEU A 126 2.76 30.52 -13.01
CA LEU A 126 3.13 30.79 -11.63
C LEU A 126 4.33 29.92 -11.31
N LYS A 127 5.39 30.55 -10.77
CA LYS A 127 6.57 29.81 -10.36
C LYS A 127 6.29 28.97 -9.13
N GLU A 128 7.21 28.06 -8.85
CA GLU A 128 7.09 27.08 -7.77
C GLU A 128 6.94 27.73 -6.37
N ASP A 129 7.54 28.93 -6.18
CA ASP A 129 7.40 29.69 -4.92
C ASP A 129 6.01 30.27 -4.63
N LEU A 130 5.14 30.20 -5.63
CA LEU A 130 3.80 30.72 -5.65
C LEU A 130 3.72 32.22 -5.41
N ARG A 131 4.80 32.93 -5.78
CA ARG A 131 4.91 34.35 -5.50
C ARG A 131 5.23 35.19 -6.73
N SER A 132 5.70 34.55 -7.78
CA SER A 132 6.22 35.26 -8.93
C SER A 132 5.84 34.54 -10.21
N TRP A 133 6.04 35.22 -11.34
CA TRP A 133 5.55 34.73 -12.64
C TRP A 133 6.66 34.59 -13.68
N THR A 134 6.53 33.56 -14.52
CA THR A 134 7.33 33.42 -15.75
C THR A 134 6.51 33.77 -16.99
N ALA A 135 6.97 34.75 -17.77
CA ALA A 135 6.30 35.16 -18.97
C ALA A 135 7.35 35.17 -20.07
N ALA A 136 7.23 34.43 -21.16
CA ALA A 136 8.36 34.59 -22.15
C ALA A 136 8.13 35.71 -23.15
N ASP A 137 6.89 35.83 -23.64
CA ASP A 137 6.58 36.81 -24.68
C ASP A 137 6.64 38.23 -24.16
N MET A 138 6.92 39.18 -25.05
CA MET A 138 6.72 40.59 -24.77
C MET A 138 5.26 40.85 -24.44
N ALA A 139 4.33 40.26 -25.19
CA ALA A 139 2.90 40.42 -24.88
C ALA A 139 2.48 39.90 -23.52
N ALA A 140 3.11 38.80 -23.06
CA ALA A 140 2.82 38.30 -21.74
C ALA A 140 3.33 39.14 -20.60
N GLN A 141 4.22 40.10 -20.88
CA GLN A 141 4.68 40.96 -19.82
C GLN A 141 3.62 41.87 -19.30
N THR A 142 2.71 42.27 -20.19
CA THR A 142 1.59 43.12 -19.81
C THR A 142 0.74 42.39 -18.77
N THR A 143 0.45 41.12 -19.06
CA THR A 143 -0.28 40.25 -18.14
C THR A 143 0.45 40.09 -16.82
N LYS A 144 1.73 39.79 -16.91
CA LYS A 144 2.52 39.63 -15.69
C LYS A 144 2.46 40.86 -14.81
N HIS A 145 2.65 42.04 -15.40
CA HIS A 145 2.64 43.29 -14.64
C HIS A 145 1.26 43.57 -14.04
N LYS A 146 0.22 43.27 -14.81
CA LYS A 146 -1.17 43.40 -14.33
C LYS A 146 -1.41 42.51 -13.12
N TRP A 147 -0.90 41.29 -13.18
CA TRP A 147 -1.13 40.34 -12.13
C TRP A 147 -0.31 40.65 -10.87
N GLU A 148 0.88 41.21 -11.07
CA GLU A 148 1.68 41.67 -9.95
C GLU A 148 0.97 42.80 -9.20
N ALA A 149 0.45 43.78 -9.93
CA ALA A 149 -0.24 44.92 -9.34
C ALA A 149 -1.55 44.58 -8.65
N ALA A 150 -2.24 43.56 -9.14
CA ALA A 150 -3.51 43.10 -8.55
C ALA A 150 -3.33 41.99 -7.53
N HIS A 151 -2.07 41.62 -7.24
CA HIS A 151 -1.76 40.56 -6.27
C HIS A 151 -2.46 39.20 -6.51
N VAL A 152 -2.45 38.74 -7.76
CA VAL A 152 -3.10 37.49 -8.18
C VAL A 152 -2.40 36.28 -7.57
N ALA A 153 -1.08 36.36 -7.43
CA ALA A 153 -0.29 35.24 -6.92
C ALA A 153 -0.69 34.93 -5.47
N GLU A 154 -0.82 35.98 -4.66
CA GLU A 154 -1.29 35.86 -3.26
C GLU A 154 -2.62 35.12 -3.16
N GLN A 155 -3.56 35.49 -4.04
CA GLN A 155 -4.88 34.85 -4.09
C GLN A 155 -4.77 33.39 -4.48
N LEU A 156 -3.96 33.12 -5.51
CA LEU A 156 -3.76 31.74 -5.91
C LEU A 156 -3.00 30.93 -4.88
N ARG A 157 -2.00 31.52 -4.23
CA ARG A 157 -1.26 30.75 -3.21
C ARG A 157 -2.18 30.25 -2.09
N ALA A 158 -3.07 31.13 -1.63
CA ALA A 158 -4.09 30.81 -0.61
C ALA A 158 -4.94 29.60 -1.01
N TYR A 159 -5.39 29.61 -2.26
CA TYR A 159 -6.21 28.53 -2.79
C TYR A 159 -5.38 27.24 -2.91
N LEU A 160 -4.18 27.35 -3.49
CA LEU A 160 -3.41 26.15 -3.80
C LEU A 160 -2.94 25.38 -2.54
N GLU A 161 -2.57 26.15 -1.51
CA GLU A 161 -2.09 25.61 -0.24
C GLU A 161 -3.20 25.24 0.75
N GLY A 162 -4.41 25.74 0.50
CA GLY A 162 -5.47 25.62 1.48
C GLY A 162 -6.56 24.84 0.77
N THR A 163 -7.49 25.54 0.15
CA THR A 163 -8.68 24.93 -0.50
C THR A 163 -8.41 23.75 -1.44
N CYS A 164 -7.49 23.93 -2.37
CA CYS A 164 -7.12 22.87 -3.28
C CYS A 164 -6.75 21.55 -2.59
N VAL A 165 -5.79 21.56 -1.66
CA VAL A 165 -5.41 20.33 -1.04
C VAL A 165 -6.44 19.77 -0.06
N GLU A 166 -7.22 20.64 0.60
CA GLU A 166 -8.27 20.17 1.48
C GLU A 166 -9.34 19.42 0.67
N TRP A 167 -9.69 19.96 -0.48
CA TRP A 167 -10.67 19.24 -1.32
C TRP A 167 -10.10 17.99 -1.97
N LEU A 168 -8.83 18.00 -2.35
CA LEU A 168 -8.17 16.76 -2.77
C LEU A 168 -8.26 15.67 -1.70
N ARG A 169 -7.92 15.99 -0.43
CA ARG A 169 -8.03 15.03 0.67
C ARG A 169 -9.47 14.53 0.87
N ARG A 170 -10.45 15.43 0.75
CA ARG A 170 -11.88 15.02 0.76
C ARG A 170 -12.21 14.01 -0.34
N TYR A 171 -11.80 14.32 -1.57
CA TYR A 171 -12.05 13.44 -2.72
C TYR A 171 -11.40 12.08 -2.54
N LEU A 172 -10.14 12.11 -2.09
CA LEU A 172 -9.39 10.88 -1.82
C LEU A 172 -10.08 9.98 -0.82
N GLU A 173 -10.65 10.55 0.24
CA GLU A 173 -11.34 9.80 1.23
C GLU A 173 -12.70 9.27 0.67
N ASN A 174 -13.45 10.15 0.00
CA ASN A 174 -14.80 9.82 -0.50
C ASN A 174 -14.73 8.86 -1.67
N GLY A 175 -13.65 8.94 -2.43
CA GLY A 175 -13.39 8.02 -3.53
C GLY A 175 -12.34 6.98 -3.29
N LYS A 176 -12.19 6.56 -2.04
CA LYS A 176 -11.12 5.68 -1.60
C LYS A 176 -11.02 4.41 -2.44
N GLU A 177 -12.18 3.79 -2.70
CA GLU A 177 -12.23 2.62 -3.59
C GLU A 177 -11.73 2.86 -5.03
N THR A 178 -12.01 4.03 -5.62
CA THR A 178 -11.57 4.41 -6.99
C THR A 178 -10.16 5.02 -7.04
N LEU A 179 -9.82 5.80 -6.03
CA LEU A 179 -8.61 6.65 -6.07
C LEU A 179 -7.42 6.15 -5.29
N GLN A 180 -7.66 5.40 -4.19
CA GLN A 180 -6.58 4.86 -3.37
C GLN A 180 -6.30 3.41 -3.79
N ARG A 181 -6.82 3.01 -4.96
CA ARG A 181 -6.66 1.65 -5.52
C ARG A 181 -5.44 1.63 -6.41
N THR A 182 -4.85 0.46 -6.56
CA THR A 182 -4.02 0.20 -7.74
C THR A 182 -4.58 -1.02 -8.45
N ASP A 183 -4.51 -1.01 -9.77
CA ASP A 183 -4.78 -2.20 -10.56
C ASP A 183 -3.43 -2.60 -11.16
N ALA A 184 -2.95 -3.79 -10.85
CA ALA A 184 -1.68 -4.27 -11.40
C ALA A 184 -1.84 -4.61 -12.87
N PRO A 185 -0.79 -4.40 -13.67
CA PRO A 185 -0.86 -4.79 -15.08
C PRO A 185 -1.04 -6.28 -15.24
N LYS A 186 -1.93 -6.66 -16.14
CA LYS A 186 -2.01 -8.03 -16.62
C LYS A 186 -1.13 -8.11 -17.86
N THR A 187 -0.17 -9.03 -17.84
CA THR A 187 0.84 -9.05 -18.87
C THR A 187 0.81 -10.26 -19.79
N HIS A 188 1.20 -10.07 -21.06
CA HIS A 188 1.53 -11.21 -21.93
C HIS A 188 2.51 -10.80 -23.03
N MET A 189 2.97 -11.78 -23.81
CA MET A 189 3.84 -11.50 -24.94
C MET A 189 3.19 -12.06 -26.18
N THR A 190 3.47 -11.43 -27.33
CA THR A 190 3.17 -11.99 -28.64
C THR A 190 4.45 -12.11 -29.46
N HIS A 191 4.44 -13.01 -30.43
CA HIS A 191 5.60 -13.32 -31.23
C HIS A 191 5.13 -13.37 -32.67
N HIS A 192 5.63 -12.48 -33.52
CA HIS A 192 5.24 -12.47 -34.94
C HIS A 192 6.46 -12.42 -35.86
N ALA A 193 6.52 -13.33 -36.81
CA ALA A 193 7.68 -13.50 -37.66
C ALA A 193 7.71 -12.50 -38.80
N VAL A 194 8.65 -11.55 -38.71
CA VAL A 194 8.91 -10.54 -39.73
C VAL A 194 9.31 -11.19 -41.07
N SER A 195 10.40 -11.96 -41.03
CA SER A 195 10.90 -12.70 -42.17
C SER A 195 11.35 -14.08 -41.67
N ASP A 196 12.30 -14.70 -42.36
CA ASP A 196 12.78 -15.99 -41.88
C ASP A 196 13.88 -15.85 -40.82
N HIS A 197 14.52 -14.69 -40.75
CA HIS A 197 15.68 -14.59 -39.88
C HIS A 197 15.48 -13.77 -38.61
N GLU A 198 14.28 -13.26 -38.39
CA GLU A 198 13.98 -12.50 -37.19
C GLU A 198 12.46 -12.42 -36.93
N ALA A 199 12.08 -12.03 -35.70
CA ALA A 199 10.68 -11.94 -35.33
C ALA A 199 10.46 -10.82 -34.33
N THR A 200 9.23 -10.30 -34.28
CA THR A 200 8.94 -9.21 -33.36
C THR A 200 8.42 -9.83 -32.06
N LEU A 201 9.02 -9.47 -30.91
CA LEU A 201 8.52 -9.88 -29.60
C LEU A 201 7.90 -8.68 -28.94
N ARG A 202 6.62 -8.75 -28.57
CA ARG A 202 5.93 -7.59 -28.02
C ARG A 202 5.45 -7.93 -26.62
N CYS A 203 5.77 -7.06 -25.66
CA CYS A 203 5.43 -7.25 -24.27
C CYS A 203 4.27 -6.29 -23.96
N TRP A 204 3.17 -6.82 -23.44
CA TRP A 204 1.96 -6.08 -23.19
C TRP A 204 1.68 -5.92 -21.72
N ALA A 205 1.22 -4.74 -21.35
CA ALA A 205 0.67 -4.50 -20.00
C ALA A 205 -0.71 -3.91 -20.17
N LEU A 206 -1.71 -4.59 -19.61
CA LEU A 206 -3.08 -4.16 -19.78
C LEU A 206 -3.76 -4.00 -18.42
N SER A 207 -4.86 -3.26 -18.45
CA SER A 207 -5.75 -3.10 -17.28
C SER A 207 -5.09 -2.57 -16.02
N PHE A 208 -4.16 -1.63 -16.18
CA PHE A 208 -3.51 -1.08 -14.99
C PHE A 208 -3.95 0.34 -14.62
N TYR A 209 -3.71 0.69 -13.35
CA TYR A 209 -4.04 2.01 -12.82
C TYR A 209 -3.14 2.20 -11.62
N PRO A 210 -2.48 3.34 -11.49
CA PRO A 210 -2.47 4.52 -12.37
C PRO A 210 -1.64 4.32 -13.61
N ALA A 211 -1.51 5.38 -14.40
CA ALA A 211 -1.02 5.29 -15.75
C ALA A 211 0.47 5.09 -15.78
N GLU A 212 1.13 5.56 -14.73
CA GLU A 212 2.61 5.48 -14.66
C GLU A 212 3.11 4.04 -14.68
N ILE A 213 4.00 3.70 -15.62
CA ILE A 213 4.48 2.33 -15.75
C ILE A 213 5.85 2.40 -16.46
N THR A 214 6.76 1.46 -16.16
CA THR A 214 7.96 1.34 -16.98
C THR A 214 8.02 -0.05 -17.60
N LEU A 215 8.10 -0.13 -18.94
CA LEU A 215 8.21 -1.38 -19.70
C LEU A 215 9.51 -1.28 -20.46
N THR A 216 10.40 -2.23 -20.22
CA THR A 216 11.67 -2.21 -20.92
C THR A 216 12.08 -3.61 -21.33
N TRP A 217 12.85 -3.70 -22.40
CA TRP A 217 13.48 -4.95 -22.80
C TRP A 217 14.99 -4.96 -22.48
N GLN A 218 15.48 -6.11 -22.05
CA GLN A 218 16.93 -6.30 -21.95
C GLN A 218 17.37 -7.50 -22.81
N ARG A 219 18.67 -7.53 -23.20
CA ARG A 219 19.18 -8.65 -23.98
C ARG A 219 20.47 -9.02 -23.26
N ASP A 220 20.52 -10.25 -22.73
CA ASP A 220 21.61 -10.66 -21.80
C ASP A 220 21.76 -9.74 -20.58
N GLY A 221 20.63 -9.19 -20.11
CA GLY A 221 20.63 -8.19 -19.03
C GLY A 221 21.08 -6.77 -19.39
N GLU A 222 21.30 -6.51 -20.67
CA GLU A 222 21.65 -5.15 -21.09
C GLU A 222 20.45 -4.40 -21.67
N ASP A 223 20.20 -3.19 -21.20
CA ASP A 223 19.00 -2.43 -21.67
C ASP A 223 19.08 -2.18 -23.20
N GLN A 224 17.93 -2.21 -23.85
CA GLN A 224 17.85 -2.18 -25.29
C GLN A 224 17.04 -0.97 -25.70
N THR A 225 17.31 0.15 -25.06
CA THR A 225 16.59 1.42 -25.23
C THR A 225 16.44 1.88 -26.70
N GLN A 226 17.57 1.84 -27.39
CA GLN A 226 17.69 2.27 -28.77
C GLN A 226 16.87 1.41 -29.73
N ASP A 227 16.63 0.16 -29.35
CA ASP A 227 16.10 -0.83 -30.26
C ASP A 227 14.74 -1.32 -29.85
N THR A 228 14.13 -0.60 -28.92
CA THR A 228 12.82 -0.97 -28.40
C THR A 228 11.84 0.01 -28.97
N GLU A 229 10.76 -0.51 -29.53
CA GLU A 229 9.67 0.33 -29.93
C GLU A 229 8.63 0.41 -28.81
N LEU A 230 8.33 1.63 -28.38
CA LEU A 230 7.46 1.81 -27.23
C LEU A 230 6.25 2.64 -27.74
N VAL A 231 5.05 2.33 -27.27
CA VAL A 231 3.97 3.22 -27.66
C VAL A 231 3.60 4.02 -26.44
N GLU A 232 2.93 5.14 -26.70
CA GLU A 232 2.43 5.95 -25.63
C GLU A 232 1.41 5.15 -24.83
N THR A 233 1.45 5.29 -23.52
CA THR A 233 0.38 4.71 -22.64
C THR A 233 -0.97 5.27 -23.05
N ARG A 234 -1.96 4.39 -23.16
CA ARG A 234 -3.25 4.73 -23.75
C ARG A 234 -4.39 4.24 -22.83
N PRO A 235 -5.50 5.00 -22.82
CA PRO A 235 -6.68 4.64 -22.03
C PRO A 235 -7.47 3.48 -22.64
N ALA A 236 -7.88 2.55 -21.80
CA ALA A 236 -8.70 1.45 -22.26
C ALA A 236 -10.18 1.92 -22.40
N GLY A 237 -10.57 2.96 -21.68
CA GLY A 237 -11.96 3.52 -21.72
C GLY A 237 -12.75 3.20 -20.48
N ASP A 238 -12.21 2.31 -19.66
CA ASP A 238 -12.88 1.89 -18.43
C ASP A 238 -12.21 2.40 -17.19
N GLY A 239 -11.29 3.33 -17.35
CA GLY A 239 -10.55 3.84 -16.23
C GLY A 239 -9.18 3.19 -16.07
N THR A 240 -8.87 2.19 -16.88
CA THR A 240 -7.50 1.61 -16.83
C THR A 240 -6.71 1.99 -18.07
N PHE A 241 -5.41 1.63 -18.03
CA PHE A 241 -4.49 1.98 -19.08
C PHE A 241 -3.80 0.72 -19.68
N GLN A 242 -3.22 0.93 -20.85
CA GLN A 242 -2.53 -0.14 -21.63
C GLN A 242 -1.19 0.41 -22.14
N LYS A 243 -0.25 -0.50 -22.36
CA LYS A 243 1.02 -0.08 -23.03
C LYS A 243 1.66 -1.32 -23.60
N TRP A 244 2.44 -1.13 -24.65
CA TRP A 244 3.28 -2.23 -25.11
C TRP A 244 4.70 -1.78 -25.46
N ALA A 245 5.63 -2.74 -25.44
CA ALA A 245 7.03 -2.48 -25.87
C ALA A 245 7.45 -3.66 -26.75
N ALA A 246 8.07 -3.38 -27.90
CA ALA A 246 8.51 -4.46 -28.79
C ALA A 246 9.99 -4.39 -29.20
N VAL A 247 10.59 -5.56 -29.39
CA VAL A 247 11.94 -5.66 -29.95
C VAL A 247 11.95 -6.64 -31.12
N VAL A 248 12.97 -6.51 -31.96
CA VAL A 248 13.16 -7.48 -33.03
C VAL A 248 14.29 -8.44 -32.64
N VAL A 249 13.93 -9.72 -32.63
CA VAL A 249 14.74 -10.78 -32.12
C VAL A 249 15.16 -11.66 -33.31
N PRO A 250 16.48 -11.71 -33.59
CA PRO A 250 16.99 -12.62 -34.63
C PRO A 250 16.78 -14.08 -34.23
N SER A 251 16.75 -14.96 -35.21
CA SER A 251 16.42 -16.38 -35.01
C SER A 251 17.27 -17.05 -33.95
N GLY A 252 16.58 -17.76 -33.05
CA GLY A 252 17.22 -18.57 -32.01
C GLY A 252 17.58 -17.78 -30.77
N GLN A 253 17.23 -16.49 -30.75
CA GLN A 253 17.70 -15.65 -29.68
C GLN A 253 16.65 -15.27 -28.68
N GLU A 254 15.44 -15.81 -28.78
CA GLU A 254 14.39 -15.47 -27.79
C GLU A 254 14.77 -15.56 -26.29
N GLN A 255 15.60 -16.54 -25.93
CA GLN A 255 15.99 -16.74 -24.54
C GLN A 255 16.99 -15.69 -24.05
N ARG A 256 17.54 -14.88 -24.97
CA ARG A 256 18.40 -13.76 -24.52
C ARG A 256 17.64 -12.57 -23.98
N TYR A 257 16.34 -12.51 -24.31
CA TYR A 257 15.54 -11.28 -24.12
C TYR A 257 14.61 -11.39 -22.93
N THR A 258 14.60 -10.35 -22.11
CA THR A 258 13.69 -10.28 -20.94
C THR A 258 12.93 -8.98 -20.98
N CYS A 259 11.63 -9.04 -20.69
CA CYS A 259 10.82 -7.85 -20.61
C CYS A 259 10.62 -7.51 -19.15
N HIS A 260 10.89 -6.28 -18.76
CA HIS A 260 10.83 -5.89 -17.34
C HIS A 260 9.68 -4.94 -17.09
N VAL A 261 8.84 -5.18 -16.08
CA VAL A 261 7.65 -4.33 -15.85
C VAL A 261 7.69 -3.80 -14.44
N GLN A 262 7.68 -2.47 -14.31
CA GLN A 262 7.56 -1.84 -13.01
C GLN A 262 6.26 -1.07 -12.91
N HIS A 263 5.55 -1.26 -11.80
CA HIS A 263 4.25 -0.63 -11.65
C HIS A 263 3.90 -0.67 -10.18
N GLU A 264 3.26 0.37 -9.68
CA GLU A 264 2.98 0.46 -8.23
C GLU A 264 2.09 -0.67 -7.72
N GLY A 265 1.27 -1.22 -8.60
CA GLY A 265 0.38 -2.33 -8.28
C GLY A 265 1.03 -3.69 -8.18
N LEU A 266 2.30 -3.81 -8.59
CA LEU A 266 2.98 -5.10 -8.54
C LEU A 266 3.65 -5.23 -7.20
N PRO A 267 3.63 -6.44 -6.59
CA PRO A 267 4.31 -6.67 -5.35
C PRO A 267 5.85 -6.65 -5.52
N LYS A 268 6.31 -6.83 -6.75
CA LYS A 268 7.69 -7.00 -7.11
C LYS A 268 7.71 -6.73 -8.60
N PRO A 269 8.78 -6.11 -9.10
CA PRO A 269 8.86 -5.98 -10.57
C PRO A 269 8.90 -7.35 -11.28
N LEU A 270 8.30 -7.40 -12.47
CA LEU A 270 8.18 -8.64 -13.21
C LEU A 270 9.32 -8.69 -14.20
N THR A 271 9.87 -9.89 -14.38
CA THR A 271 10.81 -10.22 -15.44
C THR A 271 10.18 -11.32 -16.26
N LEU A 272 9.86 -11.02 -17.53
CA LEU A 272 9.16 -11.99 -18.37
C LEU A 272 10.07 -12.45 -19.53
N ARG A 273 9.91 -13.69 -19.97
CA ARG A 273 10.75 -14.20 -21.05
C ARG A 273 9.84 -15.00 -21.95
N TRP A 274 10.13 -15.01 -23.25
CA TRP A 274 9.44 -15.95 -24.18
C TRP A 274 10.10 -17.31 -24.03
N GLU A 275 9.32 -18.27 -23.55
CA GLU A 275 9.82 -19.63 -23.36
C GLU A 275 8.69 -20.65 -23.18
N MET B 1 1.42 29.74 -36.74
CA MET B 1 1.05 29.28 -35.40
C MET B 1 1.38 27.79 -35.25
N ILE B 2 1.58 27.37 -34.00
CA ILE B 2 1.92 25.98 -33.63
C ILE B 2 0.93 24.98 -34.18
N GLN B 3 1.43 23.95 -34.85
CA GLN B 3 0.56 22.84 -35.30
C GLN B 3 1.30 21.56 -35.00
N ARG B 4 0.67 20.63 -34.30
CA ARG B 4 1.29 19.36 -33.97
C ARG B 4 0.42 18.23 -34.48
N THR B 5 1.03 17.22 -35.10
CA THR B 5 0.28 16.12 -35.74
C THR B 5 -0.26 15.12 -34.72
N PRO B 6 -1.51 14.64 -34.87
CA PRO B 6 -1.96 13.58 -33.96
C PRO B 6 -1.28 12.24 -34.19
N LYS B 7 -0.94 11.62 -33.07
CA LYS B 7 -0.53 10.23 -33.03
C LYS B 7 -1.81 9.47 -32.97
N ILE B 8 -1.87 8.30 -33.60
CA ILE B 8 -3.15 7.58 -33.63
C ILE B 8 -2.87 6.14 -33.22
N GLN B 9 -3.68 5.60 -32.31
CA GLN B 9 -3.64 4.17 -32.02
C GLN B 9 -5.07 3.63 -32.12
N VAL B 10 -5.25 2.50 -32.79
CA VAL B 10 -6.62 1.92 -32.87
C VAL B 10 -6.55 0.52 -32.22
N TYR B 11 -7.44 0.27 -31.27
CA TYR B 11 -7.34 -0.95 -30.44
C TYR B 11 -8.67 -1.24 -29.74
N SER B 12 -8.78 -2.44 -29.20
CA SER B 12 -9.95 -2.79 -28.38
C SER B 12 -9.69 -2.62 -26.89
N ARG B 13 -10.75 -2.29 -26.12
CA ARG B 13 -10.68 -2.25 -24.69
C ARG B 13 -10.17 -3.53 -24.04
N HIS B 14 -10.70 -4.67 -24.46
CA HIS B 14 -10.33 -5.97 -23.91
C HIS B 14 -9.67 -6.72 -25.06
N PRO B 15 -8.81 -7.72 -24.75
CA PRO B 15 -8.31 -8.57 -25.85
C PRO B 15 -9.48 -9.11 -26.70
N ALA B 16 -9.37 -9.07 -28.01
CA ALA B 16 -10.49 -9.36 -28.90
C ALA B 16 -10.73 -10.84 -28.94
N GLU B 17 -12.00 -11.22 -28.83
CA GLU B 17 -12.40 -12.60 -28.91
C GLU B 17 -13.66 -12.58 -29.76
N ASN B 18 -13.67 -13.33 -30.86
CA ASN B 18 -14.84 -13.31 -31.76
C ASN B 18 -16.12 -13.69 -31.04
N GLY B 19 -17.15 -12.88 -31.23
CA GLY B 19 -18.44 -13.16 -30.66
C GLY B 19 -18.66 -12.61 -29.28
N LYS B 20 -17.63 -11.97 -28.73
CA LYS B 20 -17.74 -11.38 -27.39
C LYS B 20 -17.70 -9.87 -27.43
N SER B 21 -18.66 -9.23 -26.73
CA SER B 21 -18.82 -7.79 -26.87
C SER B 21 -17.63 -7.02 -26.31
N ASN B 22 -17.33 -5.86 -26.87
CA ASN B 22 -16.07 -5.16 -26.55
C ASN B 22 -16.30 -3.69 -26.95
N PHE B 23 -15.24 -2.89 -26.85
CA PHE B 23 -15.26 -1.55 -27.35
C PHE B 23 -14.08 -1.38 -28.28
N LEU B 24 -14.28 -0.70 -29.38
CA LEU B 24 -13.21 -0.37 -30.33
C LEU B 24 -12.87 1.08 -30.09
N ASN B 25 -11.58 1.37 -29.89
CA ASN B 25 -11.08 2.65 -29.48
C ASN B 25 -10.18 3.22 -30.55
N CYS B 26 -10.25 4.54 -30.72
CA CYS B 26 -9.24 5.26 -31.49
C CYS B 26 -8.77 6.40 -30.63
N TYR B 27 -7.52 6.33 -30.19
CA TYR B 27 -6.94 7.34 -29.32
C TYR B 27 -6.08 8.26 -30.16
N VAL B 28 -6.38 9.55 -30.09
CA VAL B 28 -5.64 10.54 -30.87
C VAL B 28 -4.97 11.45 -29.84
N SER B 29 -3.67 11.70 -30.01
CA SER B 29 -3.03 12.45 -28.94
C SER B 29 -1.86 13.26 -29.51
N GLY B 30 -1.35 14.20 -28.72
CA GLY B 30 -0.19 14.95 -29.18
C GLY B 30 -0.45 16.05 -30.19
N PHE B 31 -1.72 16.43 -30.39
CA PHE B 31 -2.07 17.34 -31.49
C PHE B 31 -2.41 18.77 -31.09
N HIS B 32 -2.26 19.67 -32.02
CA HIS B 32 -2.63 21.08 -31.80
C HIS B 32 -2.80 21.69 -33.20
N PRO B 33 -3.84 22.53 -33.44
CA PRO B 33 -4.98 22.90 -32.56
C PRO B 33 -5.97 21.77 -32.32
N SER B 34 -6.99 22.05 -31.51
CA SER B 34 -7.91 20.97 -31.06
C SER B 34 -8.98 20.50 -32.06
N ASP B 35 -9.20 21.25 -33.12
CA ASP B 35 -10.20 20.80 -34.11
C ASP B 35 -9.66 19.55 -34.82
N ILE B 36 -10.39 18.43 -34.77
CA ILE B 36 -9.91 17.21 -35.39
C ILE B 36 -11.17 16.44 -35.82
N GLU B 37 -11.08 15.65 -36.87
CA GLU B 37 -12.24 14.85 -37.34
C GLU B 37 -11.84 13.39 -37.14
N VAL B 38 -12.59 12.62 -36.37
CA VAL B 38 -12.22 11.21 -36.15
C VAL B 38 -13.43 10.34 -36.43
N ASP B 39 -13.29 9.39 -37.37
CA ASP B 39 -14.33 8.40 -37.66
C ASP B 39 -13.81 6.98 -37.41
N LEU B 40 -14.68 6.09 -36.96
CA LEU B 40 -14.41 4.67 -36.86
C LEU B 40 -15.10 4.02 -38.06
N LEU B 41 -14.38 3.11 -38.74
CA LEU B 41 -14.90 2.47 -39.97
C LEU B 41 -15.08 0.99 -39.74
N LYS B 42 -16.16 0.43 -40.26
CA LYS B 42 -16.38 -1.00 -40.28
C LYS B 42 -16.52 -1.36 -41.74
N ASN B 43 -15.61 -2.22 -42.22
CA ASN B 43 -15.51 -2.60 -43.62
C ASN B 43 -15.53 -1.41 -44.59
N GLY B 44 -14.87 -0.32 -44.22
CA GLY B 44 -14.82 0.88 -45.07
C GLY B 44 -15.84 1.96 -44.79
N GLU B 45 -16.89 1.64 -44.04
CA GLU B 45 -18.00 2.59 -43.85
C GLU B 45 -18.01 3.22 -42.46
N ARG B 46 -18.36 4.51 -42.39
CA ARG B 46 -18.46 5.26 -41.11
C ARG B 46 -19.46 4.62 -40.17
N ILE B 47 -19.01 4.29 -38.98
CA ILE B 47 -19.86 3.83 -37.88
C ILE B 47 -20.59 5.04 -37.28
N GLU B 48 -21.92 4.91 -37.14
CA GLU B 48 -22.69 6.04 -36.64
C GLU B 48 -22.66 6.31 -35.14
N LYS B 49 -22.72 5.29 -34.31
CA LYS B 49 -22.84 5.54 -32.88
C LYS B 49 -21.45 5.55 -32.29
N VAL B 50 -20.75 6.68 -32.41
CA VAL B 50 -19.38 6.79 -31.87
C VAL B 50 -19.30 7.96 -30.87
N GLU B 51 -18.70 7.73 -29.71
CA GLU B 51 -18.69 8.73 -28.69
C GLU B 51 -17.25 9.12 -28.46
N HIS B 52 -17.04 10.23 -27.77
CA HIS B 52 -15.68 10.56 -27.42
C HIS B 52 -15.53 11.14 -26.03
N SER B 53 -14.29 11.10 -25.54
CA SER B 53 -13.99 11.67 -24.23
C SER B 53 -13.97 13.20 -24.27
N ASP B 54 -13.96 13.85 -23.09
CA ASP B 54 -13.96 15.29 -23.03
C ASP B 54 -12.55 15.80 -23.29
N LEU B 55 -12.41 16.85 -24.11
CA LEU B 55 -11.08 17.36 -24.48
C LEU B 55 -10.26 17.71 -23.27
N SER B 56 -9.02 17.21 -23.29
CA SER B 56 -8.03 17.48 -22.24
C SER B 56 -6.68 17.57 -22.88
N PHE B 57 -5.64 17.86 -22.08
CA PHE B 57 -4.38 18.09 -22.72
C PHE B 57 -3.27 17.72 -21.77
N SER B 58 -2.10 17.51 -22.36
CA SER B 58 -0.91 17.03 -21.65
C SER B 58 -0.08 18.18 -21.12
N LYS B 59 0.99 17.86 -20.37
CA LYS B 59 1.86 18.93 -19.86
C LYS B 59 2.42 19.90 -20.92
N ASP B 60 2.68 19.41 -22.13
CA ASP B 60 3.20 20.26 -23.22
C ASP B 60 2.12 21.05 -24.01
N TRP B 61 0.90 20.97 -23.47
CA TRP B 61 -0.32 21.61 -23.98
C TRP B 61 -1.01 20.88 -25.12
N SER B 62 -0.39 19.81 -25.65
CA SER B 62 -1.01 19.08 -26.76
C SER B 62 -2.23 18.31 -26.32
N PHE B 63 -3.24 18.25 -27.20
CA PHE B 63 -4.50 17.60 -26.81
C PHE B 63 -4.54 16.08 -26.97
N TYR B 64 -5.50 15.47 -26.27
CA TYR B 64 -5.79 14.03 -26.49
C TYR B 64 -7.29 13.77 -26.38
N LEU B 65 -7.77 12.82 -27.17
CA LEU B 65 -9.19 12.37 -27.11
C LEU B 65 -9.24 10.90 -27.34
N LEU B 66 -10.24 10.23 -26.74
CA LEU B 66 -10.47 8.82 -27.03
C LEU B 66 -11.81 8.77 -27.73
N TYR B 67 -11.85 8.21 -28.93
CA TYR B 67 -13.12 7.97 -29.63
C TYR B 67 -13.43 6.50 -29.48
N TYR B 68 -14.70 6.13 -29.28
CA TYR B 68 -14.96 4.74 -28.94
C TYR B 68 -16.35 4.30 -29.34
N THR B 69 -16.52 3.00 -29.59
CA THR B 69 -17.87 2.48 -29.93
C THR B 69 -17.96 1.02 -29.46
N GLU B 70 -19.14 0.56 -29.06
CA GLU B 70 -19.36 -0.86 -28.76
C GLU B 70 -19.25 -1.69 -30.04
N PHE B 71 -18.56 -2.82 -29.97
CA PHE B 71 -18.57 -3.75 -31.11
C PHE B 71 -18.39 -5.19 -30.65
N THR B 72 -18.77 -6.11 -31.50
CA THR B 72 -18.47 -7.50 -31.27
C THR B 72 -17.60 -7.96 -32.44
N PRO B 73 -16.31 -8.21 -32.18
CA PRO B 73 -15.44 -8.64 -33.29
C PRO B 73 -15.84 -9.98 -33.91
N THR B 74 -15.66 -10.12 -35.22
CA THR B 74 -15.84 -11.41 -35.85
C THR B 74 -14.55 -11.72 -36.60
N GLU B 75 -14.48 -12.90 -37.22
CA GLU B 75 -13.31 -13.29 -37.99
C GLU B 75 -13.11 -12.40 -39.21
N LYS B 76 -14.20 -12.03 -39.88
CA LYS B 76 -14.07 -11.36 -41.18
C LYS B 76 -14.14 -9.84 -41.17
N ASP B 77 -14.75 -9.23 -40.15
CA ASP B 77 -14.98 -7.79 -40.19
C ASP B 77 -13.70 -7.04 -39.92
N GLU B 78 -13.45 -6.02 -40.73
CA GLU B 78 -12.26 -5.18 -40.59
C GLU B 78 -12.63 -3.84 -40.02
N TYR B 79 -11.80 -3.33 -39.11
CA TYR B 79 -12.07 -2.05 -38.50
C TYR B 79 -10.89 -1.12 -38.71
N ALA B 80 -11.18 0.17 -38.78
CA ALA B 80 -10.13 1.19 -38.92
C ALA B 80 -10.55 2.50 -38.27
N CYS B 81 -9.59 3.40 -38.08
CA CYS B 81 -9.84 4.74 -37.60
C CYS B 81 -9.40 5.68 -38.72
N ARG B 82 -10.19 6.72 -39.02
CA ARG B 82 -9.83 7.65 -40.08
C ARG B 82 -9.82 9.07 -39.50
N VAL B 83 -8.69 9.74 -39.64
CA VAL B 83 -8.42 10.98 -38.91
C VAL B 83 -8.10 12.10 -39.88
N ASN B 84 -8.72 13.26 -39.71
CA ASN B 84 -8.21 14.41 -40.43
C ASN B 84 -7.94 15.55 -39.46
N HIS B 85 -6.94 16.35 -39.81
CA HIS B 85 -6.45 17.42 -38.92
C HIS B 85 -5.75 18.40 -39.82
N VAL B 86 -5.53 19.67 -39.41
CA VAL B 86 -4.80 20.60 -40.32
C VAL B 86 -3.39 20.13 -40.73
N THR B 87 -2.75 19.30 -39.89
CA THR B 87 -1.39 18.84 -40.14
C THR B 87 -1.33 17.69 -41.16
N LEU B 88 -2.49 17.16 -41.55
CA LEU B 88 -2.52 16.01 -42.42
C LEU B 88 -3.06 16.48 -43.76
N SER B 89 -2.33 16.25 -44.83
CA SER B 89 -2.79 16.74 -46.12
C SER B 89 -4.04 16.00 -46.64
N GLN B 90 -4.20 14.75 -46.22
CA GLN B 90 -5.33 13.90 -46.58
C GLN B 90 -5.64 13.08 -45.31
N PRO B 91 -6.90 12.59 -45.16
CA PRO B 91 -7.24 11.73 -44.04
C PRO B 91 -6.27 10.56 -43.89
N LYS B 92 -5.84 10.29 -42.68
CA LYS B 92 -4.95 9.18 -42.38
C LYS B 92 -5.82 8.04 -41.88
N ILE B 93 -5.69 6.84 -42.48
CA ILE B 93 -6.45 5.65 -42.04
C ILE B 93 -5.50 4.64 -41.37
N VAL B 94 -5.82 4.29 -40.12
CA VAL B 94 -5.06 3.30 -39.40
C VAL B 94 -5.93 2.09 -39.15
N LYS B 95 -5.49 0.94 -39.63
CA LYS B 95 -6.28 -0.30 -39.52
C LYS B 95 -6.14 -0.92 -38.16
N TRP B 96 -7.23 -1.53 -37.71
CA TRP B 96 -7.19 -2.31 -36.48
C TRP B 96 -6.51 -3.65 -36.71
N ASP B 97 -5.47 -3.91 -35.92
CA ASP B 97 -4.70 -5.13 -35.99
C ASP B 97 -4.91 -5.78 -34.66
N ARG B 98 -5.65 -6.89 -34.59
CA ARG B 98 -5.93 -7.44 -33.23
C ARG B 98 -4.68 -8.00 -32.50
N ASP B 99 -3.65 -7.14 -32.41
CA ASP B 99 -2.28 -7.45 -32.04
C ASP B 99 -1.43 -6.22 -31.77
N MET B 100 -2.06 -5.03 -31.86
CA MET B 100 -1.44 -3.72 -31.51
C MET B 100 -2.36 -2.72 -30.73
N LEU C 1 -12.39 21.01 -6.12
CA LEU C 1 -13.17 22.30 -6.07
C LEU C 1 -12.45 23.42 -6.83
N LEU C 2 -13.18 24.12 -7.69
CA LEU C 2 -12.62 25.21 -8.49
C LEU C 2 -12.20 26.45 -7.70
N PHE C 3 -11.16 27.14 -8.17
CA PHE C 3 -10.87 28.51 -7.72
C PHE C 3 -12.03 29.45 -8.02
N GLY C 4 -12.28 30.40 -7.12
CA GLY C 4 -13.54 31.18 -7.14
C GLY C 4 -13.46 32.63 -7.54
N LYS C 5 -12.26 33.09 -7.88
CA LYS C 5 -12.06 34.51 -8.14
C LYS C 5 -11.71 34.65 -9.62
N PRO C 6 -12.28 35.68 -10.29
CA PRO C 6 -11.99 35.93 -11.71
C PRO C 6 -10.55 36.38 -11.91
N VAL C 7 -9.91 35.87 -12.98
CA VAL C 7 -8.57 36.28 -13.35
C VAL C 7 -8.61 36.53 -14.88
N TYR C 8 -8.20 37.73 -15.29
CA TYR C 8 -8.20 38.13 -16.69
C TYR C 8 -6.74 38.37 -17.09
N VAL C 9 -6.31 37.80 -18.22
CA VAL C 9 -4.99 38.15 -18.77
C VAL C 9 -4.95 39.60 -19.25
N GLY D 1 -0.89 -15.73 1.50
CA GLY D 1 -1.42 -15.28 2.83
C GLY D 1 -0.95 -13.88 3.18
N SER D 2 -1.55 -13.29 4.22
CA SER D 2 -1.24 -11.93 4.61
C SER D 2 0.06 -11.91 5.41
N HIS D 3 0.66 -10.73 5.53
CA HIS D 3 1.96 -10.62 6.20
C HIS D 3 2.04 -9.34 7.02
N SER D 4 3.00 -9.25 7.94
CA SER D 4 3.16 -8.03 8.75
C SER D 4 4.61 -7.81 9.12
N MET D 5 5.00 -6.55 9.38
CA MET D 5 6.31 -6.28 10.00
C MET D 5 5.97 -5.51 11.27
N ARG D 6 6.58 -5.81 12.42
CA ARG D 6 6.23 -5.10 13.65
C ARG D 6 7.51 -4.88 14.39
N TYR D 7 7.69 -3.69 14.97
CA TYR D 7 8.79 -3.48 15.96
C TYR D 7 8.19 -3.24 17.34
N PHE D 8 8.82 -3.81 18.38
CA PHE D 8 8.30 -3.79 19.74
C PHE D 8 9.41 -3.24 20.60
N PHE D 9 9.11 -2.26 21.48
CA PHE D 9 10.16 -1.62 22.28
C PHE D 9 9.65 -1.61 23.66
N THR D 10 10.49 -1.98 24.62
CA THR D 10 10.06 -1.99 26.01
C THR D 10 11.16 -1.28 26.76
N SER D 11 10.81 -0.26 27.54
CA SER D 11 11.83 0.30 28.43
C SER D 11 11.32 0.31 29.89
N VAL D 12 12.20 -0.02 30.85
CA VAL D 12 11.77 -0.21 32.22
C VAL D 12 12.75 0.52 33.15
N SER D 13 12.25 1.52 33.90
CA SER D 13 13.12 2.29 34.78
C SER D 13 13.61 1.46 35.95
N ARG D 14 14.84 1.75 36.37
CA ARG D 14 15.49 1.05 37.46
C ARG D 14 16.08 2.08 38.42
N PRO D 15 15.24 2.73 39.26
CA PRO D 15 15.70 3.83 40.11
C PRO D 15 16.75 3.36 41.08
N GLY D 16 17.86 4.10 41.14
CA GLY D 16 19.02 3.73 41.96
C GLY D 16 20.01 2.81 41.26
N ARG D 17 19.59 2.19 40.16
CA ARG D 17 20.42 1.19 39.50
C ARG D 17 20.82 1.60 38.09
N GLY D 18 20.85 2.90 37.84
CA GLY D 18 21.31 3.42 36.57
C GLY D 18 20.20 3.57 35.55
N GLU D 19 20.59 3.54 34.28
CA GLU D 19 19.73 3.85 33.15
C GLU D 19 18.67 2.76 32.97
N PRO D 20 17.49 3.13 32.45
CA PRO D 20 16.46 2.14 32.18
C PRO D 20 16.89 1.06 31.22
N ARG D 21 16.37 -0.14 31.42
CA ARG D 21 16.64 -1.26 30.51
C ARG D 21 15.84 -1.04 29.26
N PHE D 22 16.43 -1.19 28.08
CA PHE D 22 15.70 -1.02 26.80
C PHE D 22 15.90 -2.26 25.97
N ILE D 23 14.78 -2.83 25.47
CA ILE D 23 14.89 -4.00 24.64
C ILE D 23 14.03 -3.73 23.42
N ALA D 24 14.62 -3.89 22.22
CA ALA D 24 13.86 -3.69 20.98
C ALA D 24 13.92 -4.98 20.19
N VAL D 25 12.78 -5.39 19.61
CA VAL D 25 12.84 -6.56 18.74
C VAL D 25 11.99 -6.30 17.48
N GLY D 26 12.43 -6.85 16.35
CA GLY D 26 11.67 -6.74 15.09
C GLY D 26 11.18 -8.09 14.67
N TYR D 27 9.93 -8.15 14.19
CA TYR D 27 9.40 -9.41 13.64
C TYR D 27 8.91 -9.21 12.21
N VAL D 28 9.02 -10.25 11.40
CA VAL D 28 8.23 -10.33 10.14
C VAL D 28 7.32 -11.52 10.40
N ASP D 29 5.99 -11.30 10.31
CA ASP D 29 5.04 -12.33 10.74
C ASP D 29 5.39 -12.81 12.13
N ASP D 30 5.54 -14.13 12.30
CA ASP D 30 5.77 -14.71 13.61
C ASP D 30 7.28 -15.04 13.75
N THR D 31 8.09 -14.40 12.93
CA THR D 31 9.55 -14.67 12.89
C THR D 31 10.38 -13.46 13.37
N GLN D 32 11.08 -13.60 14.49
CA GLN D 32 11.91 -12.47 14.95
C GLN D 32 13.13 -12.35 14.03
N PHE D 33 13.55 -11.12 13.71
CA PHE D 33 14.69 -11.01 12.81
C PHE D 33 15.79 -10.11 13.31
N VAL D 34 15.47 -9.19 14.23
CA VAL D 34 16.53 -8.30 14.79
C VAL D 34 16.27 -8.05 16.26
N ARG D 35 17.34 -7.74 16.99
CA ARG D 35 17.11 -7.33 18.38
C ARG D 35 18.17 -6.30 18.79
N PHE D 36 17.82 -5.53 19.79
CA PHE D 36 18.78 -4.68 20.50
C PHE D 36 18.52 -4.79 21.98
N ASP D 37 19.56 -4.95 22.80
CA ASP D 37 19.34 -4.91 24.25
C ASP D 37 20.35 -3.95 24.86
N SER D 38 19.85 -2.94 25.59
CA SER D 38 20.77 -1.96 26.25
C SER D 38 21.75 -2.56 27.24
N ASP D 39 21.44 -3.72 27.80
CA ASP D 39 22.39 -4.34 28.73
C ASP D 39 23.38 -5.27 28.07
N ALA D 40 23.24 -5.50 26.77
CA ALA D 40 24.16 -6.42 26.10
C ALA D 40 25.50 -5.75 25.80
N ALA D 41 26.53 -6.56 25.58
CA ALA D 41 27.88 -6.01 25.39
C ALA D 41 28.07 -5.30 24.06
N SER D 42 27.42 -5.81 22.99
CA SER D 42 27.67 -5.28 21.63
C SER D 42 27.25 -3.84 21.38
N GLN D 43 26.16 -3.37 21.98
CA GLN D 43 25.60 -2.03 21.68
C GLN D 43 25.26 -1.86 20.18
N ARG D 44 24.85 -2.96 19.53
CA ARG D 44 24.53 -2.97 18.11
C ARG D 44 23.16 -3.58 17.95
N MET D 45 22.47 -3.20 16.88
CA MET D 45 21.35 -4.06 16.42
C MET D 45 21.97 -5.35 15.91
N GLU D 46 21.38 -6.49 16.30
CA GLU D 46 21.91 -7.83 15.99
C GLU D 46 20.89 -8.65 15.22
N PRO D 47 21.35 -9.47 14.28
CA PRO D 47 20.46 -10.34 13.52
C PRO D 47 19.92 -11.51 14.35
N ARG D 48 18.68 -11.95 14.08
CA ARG D 48 18.10 -13.08 14.81
C ARG D 48 17.41 -14.06 13.88
N ALA D 49 17.56 -13.82 12.58
CA ALA D 49 17.10 -14.71 11.51
C ALA D 49 18.21 -14.84 10.48
N PRO D 50 18.38 -16.03 9.91
CA PRO D 50 19.50 -16.20 8.92
C PRO D 50 19.38 -15.32 7.65
N TRP D 51 18.16 -14.98 7.25
CA TRP D 51 17.97 -14.22 6.01
C TRP D 51 18.28 -12.72 6.12
N ILE D 52 18.47 -12.22 7.34
CA ILE D 52 18.83 -10.80 7.53
C ILE D 52 20.38 -10.68 7.68
N GLU D 53 21.08 -11.79 7.94
CA GLU D 53 22.52 -11.77 8.32
C GLU D 53 23.46 -11.20 7.30
N GLN D 54 23.07 -11.28 6.04
CA GLN D 54 23.93 -10.73 5.00
C GLN D 54 23.38 -9.44 4.33
N GLU D 55 22.55 -8.68 5.07
CA GLU D 55 22.19 -7.30 4.68
C GLU D 55 23.40 -6.38 4.55
N GLY D 56 24.43 -6.56 5.34
CA GLY D 56 25.63 -5.72 4.99
C GLY D 56 25.79 -4.52 5.90
N PRO D 57 27.01 -3.95 5.96
CA PRO D 57 27.27 -3.03 7.09
C PRO D 57 26.49 -1.73 7.08
N GLU D 58 26.16 -1.17 5.92
CA GLU D 58 25.32 0.04 5.94
C GLU D 58 23.99 -0.19 6.65
N TYR D 59 23.33 -1.35 6.40
CA TYR D 59 22.11 -1.72 7.13
C TYR D 59 22.35 -1.80 8.63
N TRP D 60 23.39 -2.53 9.05
CA TRP D 60 23.62 -2.68 10.48
C TRP D 60 24.05 -1.42 11.19
N ASP D 61 24.86 -0.59 10.54
CA ASP D 61 25.29 0.68 11.15
C ASP D 61 24.08 1.59 11.29
N GLY D 62 23.26 1.63 10.23
CA GLY D 62 22.09 2.51 10.22
C GLY D 62 21.02 2.13 11.22
N GLU D 63 20.70 0.83 11.30
CA GLU D 63 19.71 0.35 12.25
C GLU D 63 20.21 0.50 13.69
N THR D 64 21.52 0.37 13.89
CA THR D 64 22.06 0.57 15.23
C THR D 64 21.92 2.01 15.67
N ARG D 65 22.22 2.94 14.76
CA ARG D 65 22.08 4.37 15.02
C ARG D 65 20.62 4.66 15.38
N LYS D 66 19.69 4.12 14.59
CA LYS D 66 18.29 4.43 14.81
C LYS D 66 17.75 3.84 16.11
N VAL D 67 18.19 2.63 16.43
CA VAL D 67 17.63 1.93 17.60
C VAL D 67 18.19 2.56 18.87
N LYS D 68 19.44 3.01 18.86
CA LYS D 68 19.96 3.83 19.95
C LYS D 68 19.16 5.13 20.13
N ALA D 69 18.78 5.76 19.03
CA ALA D 69 17.90 6.97 19.12
C ALA D 69 16.56 6.65 19.73
N HIS D 70 15.95 5.51 19.36
CA HIS D 70 14.74 5.04 20.04
C HIS D 70 14.88 4.84 21.55
N SER D 71 15.99 4.24 21.94
CA SER D 71 16.36 4.04 23.34
C SER D 71 16.40 5.38 24.08
N GLN D 72 17.07 6.36 23.50
CA GLN D 72 17.16 7.66 24.16
C GLN D 72 15.81 8.41 24.27
N THR D 73 14.92 8.26 23.29
CA THR D 73 13.62 8.92 23.43
C THR D 73 12.79 8.25 24.53
N HIS D 74 12.88 6.92 24.64
CA HIS D 74 12.23 6.21 25.73
C HIS D 74 12.74 6.60 27.12
N ARG D 75 14.04 6.83 27.22
CA ARG D 75 14.66 7.32 28.45
C ARG D 75 14.08 8.67 28.87
N VAL D 76 13.94 9.57 27.89
CA VAL D 76 13.29 10.84 28.11
C VAL D 76 11.81 10.67 28.45
N ASP D 77 11.12 9.78 27.70
CA ASP D 77 9.70 9.51 27.91
C ASP D 77 9.32 9.06 29.33
N LEU D 78 10.18 8.26 29.97
CA LEU D 78 9.90 7.72 31.31
C LEU D 78 9.80 8.89 32.29
N GLY D 79 10.71 9.86 32.13
CA GLY D 79 10.67 11.10 32.91
C GLY D 79 9.47 11.98 32.62
N THR D 80 9.11 12.12 31.34
CA THR D 80 7.94 12.92 30.98
C THR D 80 6.65 12.35 31.62
N LEU D 81 6.50 11.03 31.57
CA LEU D 81 5.30 10.33 32.03
C LEU D 81 5.16 10.32 33.55
N ARG D 82 6.33 10.31 34.22
CA ARG D 82 6.45 10.42 35.68
C ARG D 82 5.86 11.75 36.11
N GLY D 83 6.28 12.80 35.41
CA GLY D 83 5.73 14.15 35.59
C GLY D 83 4.25 14.30 35.29
N TYR D 84 3.77 13.72 34.20
CA TYR D 84 2.34 13.80 33.79
C TYR D 84 1.40 13.19 34.82
N TYR D 85 1.87 12.11 35.44
CA TYR D 85 1.08 11.33 36.37
C TYR D 85 1.41 11.63 37.85
N ASN D 86 2.30 12.61 38.06
CA ASN D 86 2.77 13.05 39.39
C ASN D 86 3.26 11.86 40.24
N GLN D 87 4.17 11.09 39.66
CA GLN D 87 4.67 9.88 40.30
C GLN D 87 6.03 10.11 40.91
N SER D 88 6.37 9.34 41.95
CA SER D 88 7.63 9.56 42.66
C SER D 88 8.80 8.94 41.89
N GLU D 89 10.02 9.37 42.21
CA GLU D 89 11.21 8.96 41.47
C GLU D 89 11.69 7.55 41.82
N ALA D 90 11.14 6.96 42.88
CA ALA D 90 11.61 5.67 43.40
C ALA D 90 11.00 4.38 42.83
N GLY D 91 9.84 4.44 42.18
CA GLY D 91 9.24 3.23 41.67
C GLY D 91 9.69 2.90 40.25
N SER D 92 9.65 1.62 39.86
CA SER D 92 9.95 1.23 38.47
C SER D 92 8.69 1.36 37.62
N HIS D 93 8.83 1.90 36.40
CA HIS D 93 7.71 2.03 35.45
C HIS D 93 8.09 1.48 34.10
N THR D 94 7.10 1.19 33.26
CA THR D 94 7.36 0.52 32.01
C THR D 94 6.70 1.35 30.91
N VAL D 95 7.44 1.64 29.82
CA VAL D 95 6.84 2.21 28.64
C VAL D 95 7.01 1.20 27.51
N GLN D 96 5.95 0.97 26.75
CA GLN D 96 6.08 0.08 25.61
C GLN D 96 5.60 0.83 24.36
N ARG D 97 6.17 0.49 23.20
CA ARG D 97 5.76 1.11 21.95
C ARG D 97 5.75 0.04 20.87
N MET D 98 4.75 0.04 20.01
CA MET D 98 4.75 -0.90 18.89
C MET D 98 4.44 -0.09 17.63
N TYR D 99 5.14 -0.35 16.52
CA TYR D 99 4.72 0.18 15.26
C TYR D 99 4.97 -0.81 14.12
N GLY D 100 4.26 -0.66 13.00
CA GLY D 100 4.54 -1.50 11.83
C GLY D 100 3.32 -1.56 10.92
N CYS D 101 3.29 -2.50 9.98
CA CYS D 101 2.28 -2.47 8.92
C CYS D 101 1.82 -3.88 8.60
N ASP D 102 0.57 -3.99 8.13
CA ASP D 102 0.06 -5.25 7.64
C ASP D 102 -0.12 -5.13 6.12
N VAL D 103 0.19 -6.22 5.42
CA VAL D 103 -0.15 -6.31 4.00
C VAL D 103 -1.01 -7.55 3.71
N GLY D 104 -1.80 -7.56 2.63
CA GLY D 104 -2.56 -8.75 2.30
C GLY D 104 -1.77 -9.73 1.46
N SER D 105 -2.47 -10.68 0.84
CA SER D 105 -1.80 -11.70 0.04
C SER D 105 -1.16 -11.17 -1.26
N ASP D 106 -1.65 -10.01 -1.70
CA ASP D 106 -1.08 -9.28 -2.82
C ASP D 106 0.06 -8.36 -2.40
N TRP D 107 0.47 -8.44 -1.12
CA TRP D 107 1.52 -7.63 -0.51
C TRP D 107 1.22 -6.12 -0.50
N ARG D 108 -0.07 -5.76 -0.61
CA ARG D 108 -0.44 -4.37 -0.51
C ARG D 108 -0.86 -4.00 0.87
N PHE D 109 -0.56 -2.77 1.27
CA PHE D 109 -0.94 -2.17 2.54
C PHE D 109 -2.43 -2.37 2.92
N LEU D 110 -2.63 -2.85 4.13
CA LEU D 110 -3.93 -3.04 4.70
C LEU D 110 -4.11 -2.12 5.92
N ARG D 111 -3.09 -2.01 6.77
CA ARG D 111 -3.23 -1.31 8.03
C ARG D 111 -1.86 -0.93 8.53
N GLY D 112 -1.73 0.21 9.23
CA GLY D 112 -0.45 0.60 9.90
C GLY D 112 -0.76 0.99 11.34
N TYR D 113 0.23 0.91 12.24
CA TYR D 113 0.02 1.00 13.67
C TYR D 113 1.17 1.80 14.24
N HIS D 114 0.92 2.58 15.28
CA HIS D 114 1.97 3.26 16.02
C HIS D 114 1.33 3.58 17.33
N GLN D 115 1.70 2.83 18.36
CA GLN D 115 0.98 2.94 19.63
C GLN D 115 1.86 2.75 20.82
N TYR D 116 1.46 3.36 21.96
CA TYR D 116 2.21 3.30 23.20
C TYR D 116 1.36 2.84 24.38
N ALA D 117 2.01 2.16 25.34
CA ALA D 117 1.41 1.88 26.65
C ALA D 117 2.30 2.36 27.77
N TYR D 118 1.70 2.82 28.87
CA TYR D 118 2.41 3.16 30.07
C TYR D 118 1.90 2.25 31.21
N ASP D 119 2.84 1.52 31.82
CA ASP D 119 2.56 0.57 32.92
C ASP D 119 1.47 -0.43 32.53
N GLY D 120 1.55 -0.89 31.29
CA GLY D 120 0.70 -1.94 30.81
C GLY D 120 -0.69 -1.58 30.38
N LYS D 121 -1.02 -0.28 30.38
CA LYS D 121 -2.30 0.17 29.85
C LYS D 121 -2.16 1.12 28.64
N ASP D 122 -3.13 1.03 27.70
CA ASP D 122 -3.14 1.87 26.50
C ASP D 122 -2.92 3.32 26.85
N TYR D 123 -1.99 3.98 26.16
CA TYR D 123 -1.72 5.40 26.41
C TYR D 123 -2.14 6.22 25.19
N ILE D 124 -1.52 5.94 24.04
CA ILE D 124 -1.91 6.63 22.81
C ILE D 124 -1.77 5.75 21.59
N ALA D 125 -2.68 5.86 20.62
CA ALA D 125 -2.58 5.00 19.45
C ALA D 125 -3.03 5.73 18.18
N LEU D 126 -2.30 5.53 17.09
CA LEU D 126 -2.69 6.05 15.80
C LEU D 126 -3.92 5.32 15.29
N LYS D 127 -4.94 6.06 14.88
CA LYS D 127 -6.17 5.43 14.39
C LYS D 127 -6.01 4.89 12.98
N GLU D 128 -6.99 4.11 12.51
CA GLU D 128 -6.83 3.37 11.25
C GLU D 128 -6.74 4.30 10.04
N ASP D 129 -7.34 5.49 10.15
CA ASP D 129 -7.24 6.53 9.09
C ASP D 129 -5.86 7.18 8.93
N LEU D 130 -4.94 6.92 9.88
CA LEU D 130 -3.55 7.41 9.86
C LEU D 130 -3.45 8.92 9.96
N ARG D 131 -4.53 9.54 10.44
CA ARG D 131 -4.64 11.00 10.56
C ARG D 131 -5.02 11.52 11.97
N SER D 132 -5.34 10.63 12.90
CA SER D 132 -5.89 11.03 14.19
C SER D 132 -5.48 10.03 15.25
N TRP D 133 -5.66 10.41 16.51
CA TRP D 133 -5.08 9.71 17.65
C TRP D 133 -6.16 9.37 18.63
N THR D 134 -6.03 8.22 19.28
CA THR D 134 -6.85 7.86 20.42
C THR D 134 -6.04 8.06 21.68
N ALA D 135 -6.57 8.90 22.56
CA ALA D 135 -6.05 9.21 23.87
C ALA D 135 -7.25 9.20 24.85
N ALA D 136 -7.17 8.44 25.94
CA ALA D 136 -8.30 8.29 26.87
C ALA D 136 -8.10 9.10 28.14
N ASP D 137 -6.83 9.42 28.42
CA ASP D 137 -6.45 10.19 29.60
C ASP D 137 -6.26 11.63 29.24
N MET D 138 -6.34 12.46 30.26
CA MET D 138 -5.88 13.83 30.21
C MET D 138 -4.39 13.93 29.90
N ALA D 139 -3.58 13.07 30.51
CA ALA D 139 -2.15 12.97 30.15
C ALA D 139 -1.95 12.56 28.70
N ALA D 140 -2.61 11.52 28.28
CA ALA D 140 -2.57 11.14 26.86
C ALA D 140 -3.02 12.24 25.88
N GLN D 141 -4.03 13.02 26.27
CA GLN D 141 -4.49 14.14 25.43
C GLN D 141 -3.42 15.22 25.27
N THR D 142 -2.59 15.41 26.28
CA THR D 142 -1.46 16.34 26.17
C THR D 142 -0.40 15.90 25.14
N THR D 143 -0.05 14.63 25.17
CA THR D 143 0.80 14.03 24.14
C THR D 143 0.15 14.14 22.76
N LYS D 144 -1.16 13.91 22.70
CA LYS D 144 -1.92 14.04 21.43
C LYS D 144 -1.78 15.44 20.87
N HIS D 145 -1.96 16.43 21.72
CA HIS D 145 -1.82 17.82 21.27
C HIS D 145 -0.40 18.15 20.76
N LYS D 146 0.61 17.61 21.43
CA LYS D 146 1.99 17.81 20.96
C LYS D 146 2.23 17.20 19.57
N TRP D 147 1.68 16.00 19.38
CA TRP D 147 1.86 15.22 18.14
C TRP D 147 1.04 15.80 16.98
N GLU D 148 -0.09 16.41 17.34
CA GLU D 148 -0.86 17.18 16.38
C GLU D 148 -0.10 18.38 15.87
N ALA D 149 0.45 19.16 16.80
CA ALA D 149 1.14 20.41 16.45
C ALA D 149 2.43 20.13 15.65
N ALA D 150 3.05 18.98 15.92
CA ALA D 150 4.27 18.57 15.24
C ALA D 150 4.05 17.73 14.00
N HIS D 151 2.78 17.51 13.63
CA HIS D 151 2.42 16.68 12.46
C HIS D 151 3.05 15.27 12.43
N VAL D 152 3.01 14.61 13.58
CA VAL D 152 3.61 13.31 13.74
C VAL D 152 2.85 12.27 12.90
N ALA D 153 1.52 12.36 12.88
CA ALA D 153 0.72 11.36 12.13
C ALA D 153 1.07 11.34 10.65
N GLU D 154 1.29 12.54 10.08
CA GLU D 154 1.69 12.69 8.68
C GLU D 154 3.01 12.02 8.39
N GLN D 155 4.00 12.27 9.24
CA GLN D 155 5.29 11.57 9.11
C GLN D 155 5.20 10.05 9.21
N LEU D 156 4.33 9.58 10.10
CA LEU D 156 4.14 8.18 10.30
C LEU D 156 3.40 7.56 9.13
N ARG D 157 2.43 8.27 8.56
CA ARG D 157 1.76 7.74 7.37
C ARG D 157 2.71 7.41 6.19
N ALA D 158 3.63 8.34 5.90
CA ALA D 158 4.64 8.17 4.87
C ALA D 158 5.46 6.91 5.10
N TYR D 159 5.89 6.70 6.34
CA TYR D 159 6.61 5.50 6.74
C TYR D 159 5.75 4.24 6.68
N LEU D 160 4.57 4.27 7.27
CA LEU D 160 3.76 3.06 7.36
C LEU D 160 3.22 2.54 6.01
N GLU D 161 2.82 3.46 5.11
CA GLU D 161 2.32 3.05 3.82
C GLU D 161 3.42 2.92 2.76
N GLY D 162 4.62 3.37 3.10
CA GLY D 162 5.67 3.39 2.10
C GLY D 162 6.81 2.52 2.56
N THR D 163 7.75 3.11 3.28
CA THR D 163 8.94 2.41 3.75
C THR D 163 8.67 1.06 4.42
N CYS D 164 7.70 1.01 5.33
CA CYS D 164 7.38 -0.21 6.03
C CYS D 164 6.94 -1.29 5.05
N VAL D 165 6.08 -0.94 4.09
CA VAL D 165 5.64 -1.92 3.13
C VAL D 165 6.78 -2.37 2.20
N GLU D 166 7.59 -1.41 1.76
CA GLU D 166 8.69 -1.67 0.84
C GLU D 166 9.69 -2.64 1.46
N TRP D 167 10.08 -2.38 2.70
CA TRP D 167 11.05 -3.24 3.40
C TRP D 167 10.46 -4.58 3.82
N LEU D 168 9.18 -4.60 4.20
CA LEU D 168 8.51 -5.90 4.43
C LEU D 168 8.59 -6.77 3.16
N ARG D 169 8.28 -6.20 2.00
CA ARG D 169 8.36 -6.97 0.72
C ARG D 169 9.79 -7.42 0.43
N ARG D 170 10.76 -6.57 0.72
CA ARG D 170 12.15 -6.98 0.55
C ARG D 170 12.52 -8.17 1.43
N TYR D 171 12.16 -8.13 2.73
CA TYR D 171 12.44 -9.19 3.69
C TYR D 171 11.71 -10.48 3.31
N LEU D 172 10.43 -10.33 2.92
CA LEU D 172 9.71 -11.50 2.40
C LEU D 172 10.36 -12.20 1.20
N GLU D 173 10.91 -11.44 0.28
CA GLU D 173 11.64 -12.03 -0.81
C GLU D 173 13.00 -12.59 -0.41
N ASN D 174 13.77 -11.85 0.38
CA ASN D 174 15.09 -12.33 0.77
C ASN D 174 15.04 -13.55 1.66
N GLY D 175 14.01 -13.60 2.49
CA GLY D 175 13.75 -14.70 3.36
C GLY D 175 12.71 -15.69 2.91
N LYS D 176 12.52 -15.80 1.59
CA LYS D 176 11.41 -16.52 0.97
C LYS D 176 11.29 -17.99 1.35
N GLU D 177 12.43 -18.68 1.49
CA GLU D 177 12.43 -20.11 1.84
C GLU D 177 11.80 -20.45 3.21
N THR D 178 11.85 -19.51 4.13
CA THR D 178 11.17 -19.69 5.40
C THR D 178 9.91 -18.86 5.52
N LEU D 179 9.96 -17.58 5.13
CA LEU D 179 8.87 -16.64 5.36
C LEU D 179 7.67 -16.89 4.45
N GLN D 180 7.91 -17.40 3.25
CA GLN D 180 6.81 -17.64 2.31
C GLN D 180 6.36 -19.11 2.27
N ARG D 181 6.84 -19.91 3.19
CA ARG D 181 6.47 -21.33 3.21
C ARG D 181 5.16 -21.50 3.96
N THR D 182 4.42 -22.53 3.65
CA THR D 182 3.36 -22.96 4.53
C THR D 182 3.70 -24.39 4.95
N ASP D 183 3.85 -24.60 6.25
CA ASP D 183 4.06 -25.95 6.78
C ASP D 183 2.72 -26.35 7.40
N ALA D 184 2.02 -27.28 6.78
CA ALA D 184 0.73 -27.78 7.29
C ALA D 184 1.00 -28.52 8.59
N PRO D 185 0.07 -28.43 9.56
CA PRO D 185 0.21 -29.14 10.84
C PRO D 185 0.27 -30.65 10.66
N LYS D 186 1.14 -31.30 11.42
CA LYS D 186 1.09 -32.75 11.55
C LYS D 186 0.15 -33.02 12.72
N THR D 187 -0.87 -33.84 12.52
CA THR D 187 -1.88 -33.98 13.56
C THR D 187 -2.01 -35.41 14.07
N HIS D 188 -2.41 -35.57 15.33
CA HIS D 188 -2.69 -36.88 15.88
C HIS D 188 -3.55 -36.68 17.09
N MET D 189 -4.14 -37.76 17.57
CA MET D 189 -4.87 -37.70 18.80
C MET D 189 -4.22 -38.64 19.81
N THR D 190 -4.37 -38.32 21.10
CA THR D 190 -4.09 -39.23 22.17
C THR D 190 -5.35 -39.47 23.03
N HIS D 191 -5.38 -40.62 23.68
CA HIS D 191 -6.50 -40.97 24.54
C HIS D 191 -5.93 -41.42 25.87
N HIS D 192 -6.49 -40.93 26.97
CA HIS D 192 -5.98 -41.30 28.30
C HIS D 192 -7.13 -41.41 29.27
N ALA D 193 -7.20 -42.53 29.99
CA ALA D 193 -8.32 -42.74 30.91
C ALA D 193 -8.13 -41.94 32.18
N VAL D 194 -9.13 -41.13 32.52
CA VAL D 194 -9.10 -40.31 33.73
C VAL D 194 -9.59 -41.18 34.88
N SER D 195 -10.61 -41.99 34.60
CA SER D 195 -11.20 -42.90 35.54
C SER D 195 -11.84 -44.05 34.75
N ASP D 196 -12.65 -44.88 35.40
CA ASP D 196 -13.29 -45.99 34.70
C ASP D 196 -14.48 -45.55 33.84
N HIS D 197 -14.85 -44.28 33.93
CA HIS D 197 -16.03 -43.84 33.19
C HIS D 197 -15.83 -42.62 32.28
N GLU D 198 -14.67 -41.99 32.34
CA GLU D 198 -14.33 -41.02 31.32
C GLU D 198 -12.87 -41.06 30.88
N ALA D 199 -12.59 -40.46 29.74
CA ALA D 199 -11.21 -40.35 29.26
C ALA D 199 -11.00 -38.98 28.61
N THR D 200 -9.76 -38.52 28.59
CA THR D 200 -9.42 -37.33 27.83
C THR D 200 -9.00 -37.70 26.42
N LEU D 201 -9.62 -37.06 25.42
CA LEU D 201 -9.14 -37.07 24.05
C LEU D 201 -8.47 -35.72 23.77
N ARG D 202 -7.27 -35.73 23.23
CA ARG D 202 -6.52 -34.50 23.01
C ARG D 202 -6.12 -34.53 21.57
N CYS D 203 -6.33 -33.43 20.85
CA CYS D 203 -6.05 -33.38 19.45
C CYS D 203 -4.83 -32.46 19.36
N TRP D 204 -3.80 -32.87 18.63
CA TRP D 204 -2.58 -32.07 18.50
C TRP D 204 -2.33 -31.53 17.10
N ALA D 205 -1.83 -30.31 17.00
CA ALA D 205 -1.34 -29.83 15.71
C ALA D 205 0.12 -29.39 15.98
N LEU D 206 1.06 -29.92 15.20
CA LEU D 206 2.49 -29.74 15.48
C LEU D 206 3.19 -29.34 14.22
N SER D 207 4.34 -28.69 14.40
CA SER D 207 5.21 -28.38 13.27
C SER D 207 4.61 -27.49 12.19
N PHE D 208 3.74 -26.57 12.59
CA PHE D 208 3.10 -25.73 11.58
C PHE D 208 3.62 -24.31 11.49
N TYR D 209 3.43 -23.70 10.32
CA TYR D 209 3.84 -22.34 10.08
C TYR D 209 2.96 -21.84 8.97
N PRO D 210 2.42 -20.61 9.10
CA PRO D 210 2.53 -19.63 10.18
C PRO D 210 1.67 -20.01 11.35
N ALA D 211 1.63 -19.16 12.36
CA ALA D 211 1.09 -19.53 13.66
C ALA D 211 -0.43 -19.61 13.69
N GLU D 212 -1.08 -18.91 12.78
CA GLU D 212 -2.56 -18.87 12.70
C GLU D 212 -3.14 -20.25 12.41
N ILE D 213 -4.07 -20.71 13.26
CA ILE D 213 -4.68 -22.03 13.14
C ILE D 213 -5.98 -22.01 13.92
N THR D 214 -6.96 -22.78 13.42
CA THR D 214 -8.18 -23.00 14.18
C THR D 214 -8.25 -24.49 14.53
N LEU D 215 -8.44 -24.80 15.81
CA LEU D 215 -8.39 -26.16 16.28
C LEU D 215 -9.59 -26.32 17.21
N THR D 216 -10.59 -27.15 16.85
CA THR D 216 -11.77 -27.25 17.74
C THR D 216 -12.20 -28.73 17.89
N TRP D 217 -13.01 -29.05 18.91
CA TRP D 217 -13.69 -30.33 19.01
C TRP D 217 -15.19 -30.08 18.80
N GLN D 218 -15.86 -31.05 18.20
CA GLN D 218 -17.33 -31.05 18.10
C GLN D 218 -17.85 -32.38 18.62
N ARG D 219 -19.10 -32.41 19.10
CA ARG D 219 -19.72 -33.67 19.49
C ARG D 219 -20.99 -33.78 18.64
N ASP D 220 -21.12 -34.82 17.82
CA ASP D 220 -22.28 -34.94 16.86
C ASP D 220 -22.28 -33.72 15.92
N GLY D 221 -21.10 -33.19 15.67
CA GLY D 221 -20.96 -32.03 14.82
C GLY D 221 -21.30 -30.69 15.43
N GLU D 222 -21.58 -30.66 16.73
CA GLU D 222 -22.02 -29.44 17.41
C GLU D 222 -20.95 -28.84 18.30
N ASP D 223 -21.09 -27.55 18.58
CA ASP D 223 -20.14 -26.74 19.40
C ASP D 223 -19.78 -27.40 20.71
N GLN D 224 -18.47 -27.38 21.06
CA GLN D 224 -18.03 -27.89 22.34
C GLN D 224 -17.11 -26.88 23.00
N THR D 225 -17.26 -25.62 22.64
CA THR D 225 -16.29 -24.56 23.08
C THR D 225 -16.14 -24.47 24.60
N GLN D 226 -17.27 -24.52 25.31
CA GLN D 226 -17.22 -24.41 26.76
C GLN D 226 -16.67 -25.67 27.40
N ASP D 227 -16.68 -26.80 26.68
CA ASP D 227 -16.16 -28.03 27.25
C ASP D 227 -14.82 -28.45 26.66
N THR D 228 -14.13 -27.53 26.00
CA THR D 228 -12.84 -27.86 25.38
C THR D 228 -11.78 -27.06 26.12
N GLU D 229 -10.71 -27.74 26.50
CA GLU D 229 -9.56 -27.03 26.96
C GLU D 229 -8.70 -26.80 25.74
N LEU D 230 -8.44 -25.53 25.45
CA LEU D 230 -7.63 -25.12 24.28
C LEU D 230 -6.43 -24.30 24.78
N VAL D 231 -5.21 -24.74 24.52
CA VAL D 231 -4.08 -23.93 24.98
C VAL D 231 -3.70 -22.91 23.94
N GLU D 232 -3.01 -21.87 24.40
CA GLU D 232 -2.51 -20.85 23.52
C GLU D 232 -1.48 -21.46 22.55
N THR D 233 -1.51 -21.03 21.29
CA THR D 233 -0.53 -21.49 20.29
C THR D 233 0.86 -21.12 20.81
N ARG D 234 1.77 -22.06 20.70
CA ARG D 234 3.09 -21.89 21.36
C ARG D 234 4.21 -22.22 20.39
N PRO D 235 5.35 -21.52 20.54
CA PRO D 235 6.50 -21.78 19.67
C PRO D 235 7.21 -23.08 20.03
N ALA D 236 7.58 -23.87 19.01
CA ALA D 236 8.40 -25.03 19.23
C ALA D 236 9.86 -24.71 19.49
N GLY D 237 10.29 -23.52 19.02
CA GLY D 237 11.63 -22.99 19.23
C GLY D 237 12.50 -23.16 17.98
N ASP D 238 11.95 -23.87 17.00
CA ASP D 238 12.62 -24.14 15.71
C ASP D 238 11.97 -23.34 14.55
N GLY D 239 11.04 -22.44 14.89
CA GLY D 239 10.42 -21.57 13.91
C GLY D 239 9.06 -22.11 13.50
N THR D 240 8.67 -23.23 14.10
CA THR D 240 7.29 -23.73 13.90
C THR D 240 6.46 -23.59 15.16
N PHE D 241 5.17 -23.92 15.05
CA PHE D 241 4.24 -23.70 16.19
C PHE D 241 3.53 -24.98 16.58
N GLN D 242 2.99 -25.01 17.80
CA GLN D 242 2.19 -26.17 18.29
C GLN D 242 0.88 -25.69 18.93
N LYS D 243 -0.13 -26.56 18.95
CA LYS D 243 -1.39 -26.21 19.67
C LYS D 243 -2.08 -27.55 19.99
N TRP D 244 -2.75 -27.59 21.13
CA TRP D 244 -3.68 -28.74 21.33
C TRP D 244 -5.00 -28.30 21.88
N ALA D 245 -6.00 -29.18 21.66
CA ALA D 245 -7.32 -29.00 22.29
C ALA D 245 -7.71 -30.34 22.91
N ALA D 246 -8.36 -30.32 24.08
CA ALA D 246 -8.83 -31.56 24.64
C ALA D 246 -10.24 -31.48 25.18
N VAL D 247 -10.90 -32.62 25.14
CA VAL D 247 -12.19 -32.79 25.77
C VAL D 247 -12.20 -34.05 26.65
N VAL D 248 -13.08 -34.02 27.64
CA VAL D 248 -13.35 -35.20 28.45
C VAL D 248 -14.58 -35.93 27.95
N VAL D 249 -14.38 -37.18 27.54
CA VAL D 249 -15.38 -37.97 26.80
C VAL D 249 -15.88 -39.06 27.75
N PRO D 250 -17.21 -39.19 27.92
CA PRO D 250 -17.69 -40.34 28.73
C PRO D 250 -17.52 -41.70 28.04
N SER D 251 -17.64 -42.77 28.84
CA SER D 251 -17.47 -44.16 28.38
C SER D 251 -18.27 -44.47 27.17
N GLY D 252 -17.58 -44.94 26.13
CA GLY D 252 -18.26 -45.41 24.90
C GLY D 252 -18.70 -44.33 23.94
N GLN D 253 -18.28 -43.09 24.17
CA GLN D 253 -18.72 -41.99 23.30
C GLN D 253 -17.63 -41.42 22.42
N GLU D 254 -16.48 -42.10 22.31
CA GLU D 254 -15.37 -41.54 21.54
C GLU D 254 -15.74 -41.28 20.10
N GLN D 255 -16.56 -42.15 19.51
CA GLN D 255 -17.01 -41.98 18.12
C GLN D 255 -17.88 -40.73 17.88
N ARG D 256 -18.49 -40.16 18.91
CA ARG D 256 -19.23 -38.92 18.75
C ARG D 256 -18.43 -37.68 18.50
N TYR D 257 -17.15 -37.71 18.86
CA TYR D 257 -16.35 -36.53 18.85
C TYR D 257 -15.43 -36.43 17.63
N THR D 258 -15.34 -35.23 17.07
CA THR D 258 -14.45 -34.97 15.95
C THR D 258 -13.59 -33.74 16.23
N CYS D 259 -12.32 -33.83 15.84
CA CYS D 259 -11.36 -32.71 15.93
C CYS D 259 -11.22 -32.07 14.59
N HIS D 260 -11.32 -30.73 14.56
CA HIS D 260 -11.34 -29.95 13.34
C HIS D 260 -10.17 -28.99 13.25
N VAL D 261 -9.47 -29.00 12.12
CA VAL D 261 -8.22 -28.23 12.01
C VAL D 261 -8.29 -27.40 10.73
N GLN D 262 -8.04 -26.10 10.84
CA GLN D 262 -7.95 -25.26 9.66
C GLN D 262 -6.63 -24.56 9.70
N HIS D 263 -5.95 -24.55 8.56
CA HIS D 263 -4.63 -23.93 8.50
C HIS D 263 -4.37 -23.60 7.03
N GLU D 264 -3.65 -22.52 6.76
CA GLU D 264 -3.30 -22.12 5.39
C GLU D 264 -2.58 -23.21 4.56
N GLY D 265 -1.83 -24.08 5.24
CA GLY D 265 -1.16 -25.23 4.61
C GLY D 265 -2.10 -26.36 4.22
N LEU D 266 -3.36 -26.29 4.66
CA LEU D 266 -4.33 -27.35 4.42
C LEU D 266 -5.43 -26.97 3.42
N PRO D 267 -5.39 -27.58 2.23
CA PRO D 267 -6.24 -27.33 1.07
C PRO D 267 -7.71 -27.48 1.40
N LYS D 268 -8.03 -28.45 2.24
CA LYS D 268 -9.33 -28.50 2.87
C LYS D 268 -9.10 -28.74 4.36
N PRO D 269 -9.94 -28.13 5.22
CA PRO D 269 -9.89 -28.45 6.64
C PRO D 269 -9.93 -29.95 6.97
N LEU D 270 -9.24 -30.33 8.03
CA LEU D 270 -9.21 -31.72 8.46
C LEU D 270 -10.31 -31.97 9.49
N THR D 271 -10.85 -33.19 9.43
CA THR D 271 -11.75 -33.66 10.46
C THR D 271 -11.22 -35.01 10.91
N LEU D 272 -10.86 -35.12 12.19
CA LEU D 272 -10.32 -36.36 12.71
C LEU D 272 -11.24 -36.97 13.75
N ARG D 273 -11.25 -38.30 13.85
CA ARG D 273 -12.20 -39.00 14.75
C ARG D 273 -11.40 -40.16 15.35
N TRP D 274 -11.49 -40.35 16.66
CA TRP D 274 -10.87 -41.52 17.29
C TRP D 274 -11.66 -42.77 16.89
N GLU D 275 -11.03 -43.65 16.13
CA GLU D 275 -11.66 -44.88 15.67
C GLU D 275 -10.59 -45.93 15.39
N MET E 1 -0.48 -0.39 40.30
CA MET E 1 -0.37 -0.52 38.82
C MET E 1 -0.81 -1.91 38.38
N ILE E 2 -1.02 -2.03 37.07
CA ILE E 2 -1.45 -3.25 36.42
C ILE E 2 -0.46 -4.38 36.74
N GLN E 3 -1.00 -5.50 37.19
CA GLN E 3 -0.23 -6.73 37.41
C GLN E 3 -0.99 -7.91 36.78
N ARG E 4 -0.39 -8.56 35.78
CA ARG E 4 -0.98 -9.72 35.15
C ARG E 4 -0.17 -10.98 35.37
N THR E 5 -0.86 -12.06 35.70
CA THR E 5 -0.23 -13.34 36.05
C THR E 5 0.29 -14.09 34.82
N PRO E 6 1.52 -14.59 34.86
CA PRO E 6 2.00 -15.42 33.74
C PRO E 6 1.22 -16.71 33.51
N LYS E 7 0.93 -17.00 32.24
CA LYS E 7 0.46 -18.34 31.87
C LYS E 7 1.70 -19.15 31.58
N ILE E 8 1.70 -20.45 31.89
CA ILE E 8 2.94 -21.27 31.79
C ILE E 8 2.60 -22.54 31.04
N GLN E 9 3.36 -22.85 29.97
CA GLN E 9 3.29 -24.18 29.32
C GLN E 9 4.71 -24.78 29.29
N VAL E 10 4.84 -26.03 29.75
CA VAL E 10 6.12 -26.73 29.72
C VAL E 10 6.01 -27.92 28.79
N TYR E 11 6.91 -28.03 27.79
CA TYR E 11 6.72 -29.00 26.73
C TYR E 11 7.98 -29.18 25.94
N SER E 12 8.01 -30.25 25.18
CA SER E 12 9.19 -30.53 24.33
C SER E 12 8.98 -30.04 22.92
N ARG E 13 10.08 -29.65 22.26
CA ARG E 13 10.03 -29.27 20.84
C ARG E 13 9.48 -30.38 19.94
N HIS E 14 10.01 -31.62 20.08
CA HIS E 14 9.57 -32.79 19.30
C HIS E 14 8.89 -33.72 20.27
N PRO E 15 8.01 -34.61 19.79
CA PRO E 15 7.47 -35.61 20.69
C PRO E 15 8.59 -36.37 21.41
N ALA E 16 8.44 -36.59 22.71
CA ALA E 16 9.50 -37.18 23.50
C ALA E 16 9.74 -38.65 23.20
N GLU E 17 10.99 -38.98 22.98
CA GLU E 17 11.36 -40.35 22.65
C GLU E 17 12.56 -40.58 23.52
N ASN E 18 12.46 -41.59 24.39
CA ASN E 18 13.52 -41.83 25.35
C ASN E 18 14.86 -42.10 24.64
N GLY E 19 15.92 -41.48 25.15
CA GLY E 19 17.22 -41.59 24.52
C GLY E 19 17.46 -40.73 23.30
N LYS E 20 16.48 -39.92 22.87
CA LYS E 20 16.70 -39.08 21.70
C LYS E 20 16.74 -37.60 22.05
N SER E 21 17.76 -36.89 21.55
CA SER E 21 17.95 -35.47 21.90
C SER E 21 16.77 -34.62 21.45
N ASN E 22 16.50 -33.58 22.23
CA ASN E 22 15.31 -32.79 22.07
C ASN E 22 15.56 -31.44 22.73
N PHE E 23 14.52 -30.63 22.80
CA PHE E 23 14.58 -29.39 23.56
C PHE E 23 13.44 -29.33 24.49
N LEU E 24 13.69 -28.90 25.72
CA LEU E 24 12.64 -28.68 26.71
C LEU E 24 12.37 -27.19 26.80
N ASN E 25 11.10 -26.85 26.63
CA ASN E 25 10.62 -25.45 26.57
C ASN E 25 9.73 -25.07 27.71
N CYS E 26 9.88 -23.84 28.17
CA CYS E 26 8.91 -23.24 29.08
C CYS E 26 8.50 -21.95 28.49
N TYR E 27 7.24 -21.87 28.12
CA TYR E 27 6.74 -20.67 27.50
C TYR E 27 5.88 -19.92 28.53
N VAL E 28 6.26 -18.67 28.82
CA VAL E 28 5.56 -17.85 29.79
C VAL E 28 4.93 -16.70 29.04
N SER E 29 3.65 -16.45 29.26
CA SER E 29 3.04 -15.38 28.53
C SER E 29 1.94 -14.71 29.31
N GLY E 30 1.47 -13.56 28.81
CA GLY E 30 0.28 -12.95 29.44
C GLY E 30 0.62 -12.13 30.69
N PHE E 31 1.92 -11.87 30.95
CA PHE E 31 2.25 -11.25 32.22
C PHE E 31 2.67 -9.77 32.19
N HIS E 32 2.55 -9.10 33.32
CA HIS E 32 2.96 -7.71 33.50
C HIS E 32 3.15 -7.48 35.01
N PRO E 33 4.24 -6.79 35.43
CA PRO E 33 5.35 -6.22 34.64
C PRO E 33 6.34 -7.28 34.13
N SER E 34 7.35 -6.84 33.39
CA SER E 34 8.17 -7.81 32.66
C SER E 34 9.25 -8.57 33.52
N ASP E 35 9.51 -8.09 34.74
CA ASP E 35 10.47 -8.75 35.65
C ASP E 35 9.88 -10.11 36.06
N ILE E 36 10.59 -11.18 35.71
CA ILE E 36 10.10 -12.55 35.98
C ILE E 36 11.32 -13.45 36.16
N GLU E 37 11.17 -14.55 36.91
CA GLU E 37 12.25 -15.56 37.11
C GLU E 37 11.68 -16.87 36.60
N VAL E 38 12.35 -17.50 35.63
CA VAL E 38 11.86 -18.78 35.08
C VAL E 38 13.05 -19.74 35.10
N ASP E 39 12.83 -20.92 35.69
CA ASP E 39 13.89 -21.92 35.73
C ASP E 39 13.32 -23.24 35.21
N LEU E 40 14.13 -24.03 34.52
CA LEU E 40 13.73 -25.41 34.14
C LEU E 40 14.46 -26.31 35.13
N LEU E 41 13.74 -27.30 35.66
CA LEU E 41 14.30 -28.17 36.70
C LEU E 41 14.39 -29.60 36.18
N LYS E 42 15.47 -30.28 36.53
CA LYS E 42 15.61 -31.69 36.23
C LYS E 42 15.74 -32.44 37.54
N ASN E 43 14.77 -33.34 37.84
CA ASN E 43 14.72 -34.05 39.13
C ASN E 43 14.93 -33.12 40.32
N GLY E 44 14.35 -31.93 40.21
CA GLY E 44 14.35 -30.90 41.24
C GLY E 44 15.57 -29.97 41.24
N GLU E 45 16.49 -30.21 40.30
CA GLU E 45 17.73 -29.42 40.27
C GLU E 45 17.66 -28.41 39.15
N ARG E 46 17.88 -27.14 39.46
CA ARG E 46 17.85 -26.06 38.45
C ARG E 46 18.86 -26.35 37.36
N ILE E 47 18.45 -26.33 36.12
CA ILE E 47 19.32 -26.61 34.97
C ILE E 47 20.09 -25.30 34.66
N GLU E 48 21.42 -25.39 34.50
CA GLU E 48 22.20 -24.20 34.19
C GLU E 48 22.16 -23.66 32.76
N LYS E 49 22.10 -24.52 31.75
CA LYS E 49 22.30 -23.98 30.42
C LYS E 49 20.93 -23.76 29.85
N VAL E 50 20.27 -22.71 30.32
CA VAL E 50 18.92 -22.38 29.81
C VAL E 50 18.93 -21.02 29.14
N GLU E 51 18.47 -20.96 27.91
CA GLU E 51 18.47 -19.70 27.17
C GLU E 51 17.05 -19.21 27.06
N HIS E 52 16.87 -17.93 26.72
CA HIS E 52 15.48 -17.48 26.49
C HIS E 52 15.45 -16.57 25.29
N SER E 53 14.25 -16.42 24.71
CA SER E 53 14.03 -15.46 23.66
C SER E 53 14.12 -14.02 24.16
N ASP E 54 14.23 -13.07 23.22
CA ASP E 54 14.25 -11.68 23.60
C ASP E 54 12.87 -11.17 23.97
N LEU E 55 12.78 -10.31 24.98
CA LEU E 55 11.46 -9.86 25.48
C LEU E 55 10.60 -9.20 24.42
N SER E 56 9.36 -9.70 24.30
CA SER E 56 8.43 -9.16 23.32
C SER E 56 7.06 -9.13 24.00
N PHE E 57 6.04 -8.62 23.30
CA PHE E 57 4.75 -8.57 23.92
C PHE E 57 3.65 -8.68 22.88
N SER E 58 2.46 -8.89 23.40
CA SER E 58 1.30 -9.19 22.55
C SER E 58 0.51 -7.95 22.24
N LYS E 59 -0.57 -8.10 21.47
CA LYS E 59 -1.41 -6.97 21.16
C LYS E 59 -1.97 -6.22 22.38
N ASP E 60 -2.30 -6.95 23.46
CA ASP E 60 -2.78 -6.34 24.67
C ASP E 60 -1.67 -5.83 25.62
N TRP E 61 -0.44 -5.80 25.12
CA TRP E 61 0.78 -5.33 25.84
C TRP E 61 1.35 -6.32 26.85
N SER E 62 0.69 -7.46 27.08
CA SER E 62 1.24 -8.45 28.05
C SER E 62 2.47 -9.15 27.48
N PHE E 63 3.47 -9.44 28.30
CA PHE E 63 4.73 -9.91 27.77
C PHE E 63 4.76 -11.41 27.57
N TYR E 64 5.69 -11.90 26.71
CA TYR E 64 5.93 -13.35 26.59
C TYR E 64 7.42 -13.66 26.38
N LEU E 65 7.86 -14.83 26.84
CA LEU E 65 9.25 -15.33 26.74
C LEU E 65 9.23 -16.82 26.60
N LEU E 66 10.17 -17.37 25.83
CA LEU E 66 10.35 -18.80 25.72
C LEU E 66 11.70 -19.06 26.32
N TYR E 67 11.74 -19.90 27.33
CA TYR E 67 12.93 -20.41 27.95
C TYR E 67 13.13 -21.81 27.45
N TYR E 68 14.37 -22.17 27.17
CA TYR E 68 14.62 -23.49 26.54
C TYR E 68 15.98 -24.05 26.80
N THR E 69 16.04 -25.39 26.76
CA THR E 69 17.32 -26.08 26.98
C THR E 69 17.36 -27.42 26.19
N GLU E 70 18.55 -27.84 25.76
CA GLU E 70 18.75 -29.17 25.12
C GLU E 70 18.53 -30.22 26.20
N PHE E 71 17.82 -31.32 25.89
CA PHE E 71 17.72 -32.41 26.85
C PHE E 71 17.48 -33.69 26.11
N THR E 72 17.83 -34.81 26.74
CA THR E 72 17.52 -36.13 26.22
C THR E 72 16.62 -36.81 27.27
N PRO E 73 15.29 -36.94 26.97
CA PRO E 73 14.37 -37.58 27.90
C PRO E 73 14.73 -39.04 28.13
N THR E 74 14.56 -39.49 29.37
CA THR E 74 14.69 -40.91 29.73
C THR E 74 13.40 -41.31 30.41
N GLU E 75 13.22 -42.61 30.68
CA GLU E 75 11.98 -43.04 31.32
C GLU E 75 11.74 -42.44 32.72
N LYS E 76 12.80 -42.29 33.50
CA LYS E 76 12.59 -41.89 34.88
C LYS E 76 12.93 -40.44 35.26
N ASP E 77 13.60 -39.68 34.40
CA ASP E 77 13.91 -38.29 34.73
C ASP E 77 12.65 -37.47 34.65
N GLU E 78 12.43 -36.66 35.68
CA GLU E 78 11.29 -35.76 35.78
C GLU E 78 11.74 -34.31 35.53
N TYR E 79 10.94 -33.58 34.77
CA TYR E 79 11.30 -32.19 34.46
C TYR E 79 10.16 -31.25 34.83
N ALA E 80 10.46 -29.99 35.04
CA ALA E 80 9.46 -29.03 35.49
C ALA E 80 9.94 -27.62 35.15
N CYS E 81 9.03 -26.65 35.15
CA CYS E 81 9.34 -25.26 34.99
C CYS E 81 8.85 -24.57 36.24
N ARG E 82 9.69 -23.69 36.84
CA ARG E 82 9.35 -22.96 38.06
C ARG E 82 9.41 -21.47 37.78
N VAL E 83 8.35 -20.74 38.08
CA VAL E 83 8.25 -19.33 37.70
C VAL E 83 7.97 -18.51 38.94
N ASN E 84 8.68 -17.38 39.09
CA ASN E 84 8.28 -16.40 40.08
C ASN E 84 8.01 -15.05 39.47
N HIS E 85 7.07 -14.31 40.06
CA HIS E 85 6.60 -13.05 39.50
C HIS E 85 5.83 -12.33 40.62
N VAL E 86 5.63 -11.00 40.54
CA VAL E 86 4.94 -10.29 41.65
C VAL E 86 3.55 -10.81 41.91
N THR E 87 2.89 -11.34 40.88
CA THR E 87 1.54 -11.85 41.00
C THR E 87 1.39 -13.22 41.70
N LEU E 88 2.51 -13.93 41.88
CA LEU E 88 2.52 -15.26 42.51
C LEU E 88 3.05 -15.15 43.96
N SER E 89 2.25 -15.58 44.92
CA SER E 89 2.70 -15.51 46.33
C SER E 89 3.77 -16.54 46.60
N GLN E 90 3.77 -17.62 45.83
CA GLN E 90 4.68 -18.76 45.99
C GLN E 90 5.17 -19.06 44.58
N PRO E 91 6.36 -19.66 44.44
CA PRO E 91 6.82 -20.09 43.10
C PRO E 91 5.85 -21.11 42.53
N LYS E 92 5.55 -20.95 41.27
CA LYS E 92 4.59 -21.85 40.63
C LYS E 92 5.41 -22.88 39.90
N ILE E 93 5.19 -24.15 40.17
CA ILE E 93 5.94 -25.19 39.50
C ILE E 93 4.96 -25.97 38.64
N VAL E 94 5.30 -26.13 37.36
CA VAL E 94 4.48 -26.91 36.41
C VAL E 94 5.33 -28.05 35.92
N LYS E 95 4.87 -29.27 36.18
CA LYS E 95 5.63 -30.46 35.79
C LYS E 95 5.46 -30.72 34.29
N TRP E 96 6.53 -31.21 33.66
CA TRP E 96 6.43 -31.66 32.26
C TRP E 96 5.69 -32.98 32.18
N ASP E 97 4.61 -33.03 31.39
CA ASP E 97 3.91 -34.25 31.11
C ASP E 97 4.11 -34.44 29.61
N ARG E 98 4.77 -35.51 29.18
CA ARG E 98 5.11 -35.61 27.76
C ARG E 98 3.87 -35.66 26.79
N ASP E 99 2.67 -35.80 27.36
CA ASP E 99 1.42 -35.62 26.58
C ASP E 99 0.73 -34.24 26.67
N MET E 100 1.47 -33.20 26.99
CA MET E 100 0.88 -31.88 27.15
C MET E 100 1.81 -30.78 26.61
N LEU F 1 12.88 -2.37 8.44
CA LEU F 1 13.65 -1.08 8.61
C LEU F 1 12.92 -0.19 9.61
N LEU F 2 13.67 0.38 10.56
CA LEU F 2 13.10 1.27 11.58
C LEU F 2 12.66 2.64 11.02
N PHE F 3 11.65 3.24 11.66
CA PHE F 3 11.31 4.66 11.51
C PHE F 3 12.51 5.54 11.95
N GLY F 4 12.75 6.63 11.24
CA GLY F 4 14.03 7.35 11.35
C GLY F 4 13.95 8.71 12.02
N LYS F 5 12.77 9.05 12.55
CA LYS F 5 12.58 10.35 13.18
C LYS F 5 12.20 10.18 14.65
N PRO F 6 12.78 11.03 15.56
CA PRO F 6 12.45 10.90 16.98
C PRO F 6 11.01 11.32 17.32
N VAL F 7 10.38 10.57 18.22
CA VAL F 7 9.04 10.90 18.67
C VAL F 7 9.12 10.89 20.17
N TYR F 8 8.61 11.94 20.82
CA TYR F 8 8.61 12.04 22.27
C TYR F 8 7.20 12.21 22.75
N VAL F 9 6.79 11.47 23.77
CA VAL F 9 5.49 11.78 24.41
C VAL F 9 5.43 13.12 25.15
#